data_7DB7
#
_entry.id   7DB7
#
_cell.length_a   268.380
_cell.length_b   298.801
_cell.length_c   65.712
_cell.angle_alpha   90.000
_cell.angle_beta   90.000
_cell.angle_gamma   90.000
#
_symmetry.space_group_name_H-M   'C 2 2 21'
#
loop_
_entity.id
_entity.type
_entity.pdbx_description
1 polymer 'Phenylalanine--tRNA ligase alpha subunit'
2 polymer 'Phenylalanine--tRNA ligase beta subunit'
3 non-polymer 1-[3-[2-(1H-indol-3-yl)ethylsulfamoyl]phenyl]-3-(1,3-thiazol-2-yl)urea
4 non-polymer 'SULFATE ION'
5 water water
#
loop_
_entity_poly.entity_id
_entity_poly.type
_entity_poly.pdbx_seq_one_letter_code
_entity_poly.pdbx_strand_id
1 'polypeptide(L)'
;MLSPEALTTAVDAAQQAIALADTLDVLARVKTEHLGDRSPLALARQALAVLPKEQRAEAGKRVNAARNAAQRSYDERLAT
LRAERDAAVLVAEGIDVTLPSTRVPAGARHPIIMLAEHVADTFIAMGWELAEGPEVETEQFNFDALNFPADHPARGEQDT
FYIAPEDSRQLLRTHTSPVQIRTLLARELPVYIISIGRTFRTDELDATHTPIFHQVEGLAVDRGLSMAHLRGTLDAFARA
EFGPSARTRIRPHFFPFTEPSAEVDVWFANKIGGAAWVEWGGCGMVHPNVLRATGIDPDLYSGFAFGMGLERTLQFRNGI
PDMRDMVEGDVRFSLPFGVGA
;
A
2 'polypeptide(L)'
;MRLPYSWLREVVAVGASGWDVTPGELEQTLLRIGHEVEEVIPLGPVDGPVTVGRVADIEELTGYKKPIRACAVDIGDRQY
REIICGATNFAVGDLVVVALPGATLPGGFTISARKAYGRNSDGMICSAAELNLGADHSGILVLPPGAAEPGADGAGVLGL
DDVVFHLAITPDRGYCMSVRGLARELACAYDLDFVDPASNSRVPPLPIEGPAWPLTVQPETGVRRFALRPVIGIDPAAVS
PWWLQRRLLLCGIRATCPAVDVTNYVMLELGHPMHAHDRNRISGTLGVRFARSGETAVTLDGIERKLDTADVLIVDDAAT
AAIGGVMGAASTEVRADSTDVLLEAAIWDPAAVSRTQRRLHLPSEAARRYERTVDPAISVAALDRCARLLADIAGGEVSP
TLTDWRGDPPCDDWSPPPIRMGVDVPDRIAGVAYPQGTTARRLAQIGAVVTHDGDTLTVTPPSWRPDLRQPADLVEEVLR
LEGLEVIPSVLPPAPAGRGLTAGQQRRRTIGRSLALSGYVEILPTPFLPAGVFDLWGLEADDSRRMTTRVLNPLEADRPQ
LATTLLPALLEALVRNVSRGLVDVALFAIAQVVQPTEQTRGVGLIPVDRRPTDDEIAMLDASLPRQPQHVAAVLAGLREP
RGPWGPGRPVEAADAFEAVRIIARASRVDVTLRPAQYLPWHPGRCAQVFVGESSVGHAGQLHPAVIERSGLPKGTCAVEL
NLDAIPCSAPLPAPRVSPYPAVFQDVSLVVAADIPAQAVADAVRAGAGDLLEDIALFDVFTGPQIGEHRKSLTFALRFRA
PDRTLTEDDASAARDAAVQSAAERVGAVLRGWKLAAALEHHHHHH
;
B
#
loop_
_chem_comp.id
_chem_comp.type
_chem_comp.name
_chem_comp.formula
H2L non-polymer 1-[3-[2-(1H-indol-3-yl)ethylsulfamoyl]phenyl]-3-(1,3-thiazol-2-yl)urea 'C20 H19 N5 O3 S2'
SO4 non-polymer 'SULFATE ION' 'O4 S -2'
#
# COMPACT_ATOMS: atom_id res chain seq x y z
N ASP A 75 24.61 79.39 28.72
CA ASP A 75 24.57 78.39 27.67
C ASP A 75 23.54 77.28 27.92
N GLU A 76 22.32 77.68 28.30
CA GLU A 76 21.18 76.77 28.21
C GLU A 76 20.82 76.53 26.75
N ARG A 77 20.74 77.60 25.96
CA ARG A 77 20.44 77.48 24.54
C ARG A 77 21.63 76.98 23.72
N LEU A 78 22.87 77.09 24.22
CA LEU A 78 24.00 76.44 23.54
C LEU A 78 23.85 74.94 23.54
N ALA A 79 23.69 74.35 24.73
CA ALA A 79 23.45 72.91 24.81
C ALA A 79 22.16 72.52 24.08
N THR A 80 21.14 73.39 24.07
CA THR A 80 19.87 73.06 23.40
C THR A 80 20.08 72.76 21.92
N LEU A 81 20.71 73.70 21.20
CA LEU A 81 20.93 73.48 19.77
C LEU A 81 22.19 72.67 19.49
N ARG A 82 23.09 72.59 20.45
CA ARG A 82 24.20 71.70 20.24
C ARG A 82 23.73 70.24 20.37
N ALA A 83 22.49 70.08 20.80
CA ALA A 83 21.88 68.81 20.99
C ALA A 83 20.95 68.59 19.85
N GLU A 84 20.28 69.66 19.42
CA GLU A 84 19.31 69.59 18.33
C GLU A 84 19.94 69.27 17.00
N ARG A 85 21.19 69.65 16.82
CA ARG A 85 21.92 69.32 15.64
C ARG A 85 22.50 67.93 15.82
N ASP A 86 22.65 67.49 17.06
CA ASP A 86 23.19 66.19 17.35
C ASP A 86 22.09 65.15 17.19
N ALA A 87 20.84 65.59 17.32
CA ALA A 87 19.73 64.69 17.18
C ALA A 87 19.31 64.55 15.75
N ALA A 88 19.72 65.50 14.93
CA ALA A 88 19.40 65.45 13.54
C ALA A 88 20.50 64.75 12.78
N VAL A 89 21.61 64.50 13.45
CA VAL A 89 22.66 63.76 12.84
C VAL A 89 22.15 62.37 12.93
N LEU A 90 21.38 62.07 13.97
CA LEU A 90 20.85 60.73 14.13
C LEU A 90 19.73 60.46 13.11
N VAL A 91 18.91 61.46 12.80
CA VAL A 91 17.88 61.23 11.80
C VAL A 91 18.51 61.17 10.41
N ALA A 92 19.60 61.91 10.19
CA ALA A 92 20.30 61.87 8.91
C ALA A 92 20.76 60.46 8.60
N GLU A 93 21.03 59.67 9.62
CA GLU A 93 21.59 58.35 9.39
C GLU A 93 20.53 57.27 9.68
N GLY A 94 19.27 57.59 9.39
CA GLY A 94 18.21 56.63 9.52
C GLY A 94 18.17 55.69 8.34
N ILE A 95 17.42 54.60 8.53
CA ILE A 95 17.32 53.52 7.56
C ILE A 95 15.87 53.06 7.48
N ASP A 96 15.52 52.48 6.34
CA ASP A 96 14.24 51.81 6.16
C ASP A 96 14.32 50.45 6.85
N VAL A 97 13.76 50.35 8.05
CA VAL A 97 13.91 49.12 8.83
C VAL A 97 13.02 48.01 8.27
N THR A 98 12.36 48.24 7.13
CA THR A 98 11.52 47.19 6.54
C THR A 98 12.22 46.48 5.40
N LEU A 99 13.45 46.88 5.07
CA LEU A 99 14.18 46.26 3.98
C LEU A 99 14.38 44.78 4.27
N PRO A 100 14.45 43.94 3.24
CA PRO A 100 14.76 42.53 3.46
C PRO A 100 16.14 42.37 4.09
N SER A 101 16.26 41.40 5.00
CA SER A 101 17.52 41.13 5.67
C SER A 101 18.04 39.71 5.48
N THR A 102 17.27 38.84 4.83
CA THR A 102 17.56 37.41 4.84
C THR A 102 18.47 37.09 3.65
N ARG A 103 19.77 37.01 3.90
CA ARG A 103 20.71 36.69 2.84
C ARG A 103 21.03 35.20 2.77
N VAL A 104 20.67 34.45 3.80
CA VAL A 104 20.71 32.98 3.82
C VAL A 104 19.26 32.50 3.87
N PRO A 105 18.54 32.46 2.75
CA PRO A 105 17.15 31.96 2.76
C PRO A 105 17.01 30.64 3.49
N ALA A 106 15.93 30.52 4.26
CA ALA A 106 15.67 29.31 5.03
C ALA A 106 15.22 28.17 4.11
N GLY A 107 15.48 26.94 4.56
CA GLY A 107 15.08 25.74 3.87
C GLY A 107 13.91 25.08 4.54
N ALA A 108 13.80 23.76 4.38
CA ALA A 108 12.69 23.02 4.98
C ALA A 108 13.01 21.53 4.98
N ARG A 109 12.93 20.92 6.16
CA ARG A 109 12.81 19.49 6.23
C ARG A 109 11.48 19.06 5.61
N HIS A 110 11.44 17.84 5.07
CA HIS A 110 10.26 17.44 4.34
C HIS A 110 9.08 17.23 5.28
N PRO A 111 7.87 17.57 4.85
CA PRO A 111 6.71 17.48 5.76
C PRO A 111 6.37 16.06 6.18
N ILE A 112 6.59 15.07 5.33
CA ILE A 112 6.47 13.68 5.78
C ILE A 112 7.47 13.38 6.88
N ILE A 113 8.75 13.67 6.63
CA ILE A 113 9.78 13.50 7.66
C ILE A 113 9.39 14.17 8.97
N MET A 114 8.84 15.39 8.90
CA MET A 114 8.43 16.06 10.13
C MET A 114 7.24 15.41 10.79
N LEU A 115 6.30 14.90 9.98
CA LEU A 115 5.19 14.12 10.53
C LEU A 115 5.69 12.86 11.25
N ALA A 116 6.54 12.08 10.57
CA ALA A 116 7.21 10.95 11.21
C ALA A 116 7.90 11.39 12.49
N GLU A 117 8.61 12.52 12.45
CA GLU A 117 9.25 13.01 13.66
C GLU A 117 8.23 13.23 14.77
N HIS A 118 7.11 13.87 14.44
CA HIS A 118 6.11 14.14 15.46
C HIS A 118 5.49 12.85 15.97
N VAL A 119 5.26 11.88 15.06
CA VAL A 119 4.74 10.58 15.49
C VAL A 119 5.73 9.89 16.41
N ALA A 120 7.00 9.84 16.00
CA ALA A 120 8.01 9.19 16.83
C ALA A 120 8.10 9.84 18.21
N ASP A 121 8.06 11.16 18.28
CA ASP A 121 8.12 11.83 19.57
C ASP A 121 6.93 11.47 20.42
N THR A 122 5.76 11.29 19.79
CA THR A 122 4.54 10.93 20.52
C THR A 122 4.69 9.59 21.23
N PHE A 123 5.34 8.62 20.57
CA PHE A 123 5.41 7.30 21.16
C PHE A 123 6.58 7.19 22.13
N ILE A 124 7.72 7.82 21.80
CA ILE A 124 8.82 7.93 22.76
C ILE A 124 8.28 8.45 24.09
N ALA A 125 7.47 9.50 24.05
CA ALA A 125 6.94 10.13 25.25
C ALA A 125 6.02 9.21 26.03
N MET A 126 5.69 8.06 25.48
CA MET A 126 4.90 7.05 26.18
C MET A 126 5.76 5.85 26.55
N GLY A 127 7.07 5.93 26.38
CA GLY A 127 7.96 4.88 26.79
C GLY A 127 8.34 3.91 25.70
N TRP A 128 7.80 4.08 24.51
CA TRP A 128 8.09 3.19 23.40
C TRP A 128 9.43 3.57 22.76
N GLU A 129 9.91 2.71 21.87
CA GLU A 129 11.17 2.93 21.20
C GLU A 129 11.00 2.76 19.69
N LEU A 130 11.87 3.45 18.93
CA LEU A 130 11.92 3.34 17.49
C LEU A 130 12.81 2.22 16.99
N ALA A 131 12.33 1.50 15.97
CA ALA A 131 13.10 0.46 15.32
C ALA A 131 13.25 0.81 13.84
N GLU A 132 14.32 0.28 13.23
CA GLU A 132 14.57 0.50 11.82
C GLU A 132 15.16 -0.76 11.19
N GLY A 133 14.98 -0.89 9.89
CA GLY A 133 15.54 -2.02 9.18
C GLY A 133 15.65 -1.78 7.69
N PRO A 134 16.14 -2.77 6.96
CA PRO A 134 16.38 -2.58 5.51
C PRO A 134 15.09 -2.43 4.71
N GLU A 135 15.20 -1.75 3.56
CA GLU A 135 14.08 -1.64 2.64
C GLU A 135 14.04 -2.77 1.61
N VAL A 136 15.20 -3.35 1.29
CA VAL A 136 15.23 -4.60 0.55
C VAL A 136 15.35 -5.70 1.59
N GLU A 137 14.37 -6.59 1.63
CA GLU A 137 14.17 -7.46 2.77
C GLU A 137 13.97 -8.90 2.30
N THR A 138 14.21 -9.85 3.21
CA THR A 138 13.99 -11.26 2.89
C THR A 138 12.51 -11.61 2.95
N GLU A 139 12.10 -12.53 2.08
CA GLU A 139 10.72 -12.97 2.07
C GLU A 139 10.37 -13.62 3.40
N GLN A 140 11.37 -14.17 4.07
CA GLN A 140 11.20 -14.78 5.38
C GLN A 140 10.55 -13.80 6.35
N PHE A 141 11.05 -12.58 6.38
CA PHE A 141 10.61 -11.61 7.36
C PHE A 141 9.45 -10.79 6.86
N ASN A 142 9.36 -10.60 5.56
CA ASN A 142 8.31 -9.73 5.09
C ASN A 142 6.99 -10.49 4.87
N PHE A 143 7.05 -11.80 4.70
CA PHE A 143 5.84 -12.60 4.47
C PHE A 143 5.71 -13.83 5.37
N ASP A 144 6.73 -14.69 5.40
CA ASP A 144 6.55 -16.01 5.98
C ASP A 144 6.41 -15.94 7.50
N ALA A 145 7.23 -15.12 8.16
CA ALA A 145 7.06 -14.89 9.59
C ALA A 145 5.77 -14.16 9.92
N LEU A 146 5.19 -13.43 8.96
CA LEU A 146 3.96 -12.69 9.19
C LEU A 146 2.73 -13.50 8.84
N ASN A 147 2.85 -14.83 8.73
CA ASN A 147 1.70 -15.73 8.62
C ASN A 147 1.02 -15.58 7.27
N PHE A 148 1.83 -15.32 6.25
CA PHE A 148 1.34 -14.85 4.96
C PHE A 148 2.05 -15.65 3.88
N PRO A 149 1.73 -16.95 3.75
CA PRO A 149 2.59 -17.87 2.97
C PRO A 149 2.56 -17.66 1.47
N ALA A 150 3.20 -18.59 0.75
CA ALA A 150 3.39 -18.51 -0.71
C ALA A 150 2.05 -18.42 -1.42
N ASP A 151 1.21 -19.42 -1.18
CA ASP A 151 -0.01 -19.71 -1.90
C ASP A 151 -1.28 -19.13 -1.27
N HIS A 152 -1.16 -18.31 -0.22
CA HIS A 152 -2.30 -17.57 0.32
C HIS A 152 -2.92 -16.77 -0.82
N PRO A 153 -4.27 -16.56 -0.84
CA PRO A 153 -4.84 -15.60 -1.79
C PRO A 153 -4.13 -14.27 -1.72
N ALA A 154 -3.13 -14.09 -2.61
CA ALA A 154 -2.39 -12.87 -2.94
C ALA A 154 -0.96 -12.86 -2.45
N ARG A 155 -0.13 -12.09 -3.16
CA ARG A 155 1.24 -11.76 -2.78
C ARG A 155 1.76 -10.69 -3.73
N GLY A 156 2.76 -11.05 -4.55
CA GLY A 156 3.32 -10.07 -5.46
C GLY A 156 3.22 -10.40 -6.95
N GLU A 157 2.20 -11.18 -7.31
CA GLU A 157 1.68 -11.11 -8.67
C GLU A 157 1.13 -9.71 -8.93
N GLN A 158 0.47 -9.16 -7.91
CA GLN A 158 -0.15 -7.85 -8.01
C GLN A 158 0.26 -6.69 -7.06
N ASP A 159 0.99 -6.90 -5.96
CA ASP A 159 1.28 -5.71 -5.15
C ASP A 159 2.73 -5.47 -4.72
N THR A 160 3.65 -6.41 -4.94
CA THR A 160 5.00 -6.28 -4.40
C THR A 160 6.02 -6.08 -5.50
N PHE A 161 6.97 -5.20 -5.26
CA PHE A 161 8.17 -5.16 -6.10
C PHE A 161 9.06 -6.33 -5.71
N TYR A 162 9.43 -7.17 -6.68
CA TYR A 162 10.31 -8.30 -6.42
C TYR A 162 11.71 -8.03 -6.92
N ILE A 163 12.70 -8.52 -6.18
CA ILE A 163 14.11 -8.37 -6.55
C ILE A 163 14.48 -9.48 -7.52
N ALA A 164 15.17 -9.12 -8.61
CA ALA A 164 15.60 -10.12 -9.58
C ALA A 164 16.73 -10.96 -8.99
N PRO A 165 16.81 -12.25 -9.32
CA PRO A 165 15.90 -12.88 -10.30
C PRO A 165 14.72 -13.64 -9.68
N GLU A 166 13.68 -13.89 -10.50
CA GLU A 166 12.47 -14.66 -10.20
C GLU A 166 12.83 -15.77 -9.21
N ASP A 167 12.20 -15.81 -8.02
CA ASP A 167 12.50 -16.82 -7.01
C ASP A 167 13.92 -16.63 -6.46
N SER A 168 14.13 -15.46 -5.86
CA SER A 168 15.27 -15.11 -5.03
C SER A 168 14.84 -14.76 -3.62
N ARG A 169 13.54 -14.75 -3.35
CA ARG A 169 12.99 -14.46 -2.03
C ARG A 169 13.53 -13.15 -1.46
N GLN A 170 13.76 -12.16 -2.33
CA GLN A 170 14.01 -10.78 -1.95
C GLN A 170 12.99 -9.87 -2.59
N LEU A 171 12.70 -8.77 -1.93
CA LEU A 171 11.68 -7.83 -2.37
C LEU A 171 11.89 -6.49 -1.69
N LEU A 172 11.28 -5.45 -2.25
CA LEU A 172 11.17 -4.21 -1.50
C LEU A 172 10.03 -4.38 -0.52
N ARG A 173 10.27 -4.03 0.74
CA ARG A 173 9.26 -4.24 1.75
C ARG A 173 8.00 -3.44 1.45
N THR A 174 6.86 -4.03 1.74
CA THR A 174 5.55 -3.48 1.44
C THR A 174 4.90 -2.82 2.64
N HIS A 175 5.55 -2.85 3.79
CA HIS A 175 5.07 -2.29 5.05
C HIS A 175 6.24 -2.50 6.02
N THR A 176 6.18 -1.91 7.21
CA THR A 176 7.38 -1.99 8.05
C THR A 176 7.33 -3.15 9.05
N SER A 177 6.32 -4.01 8.98
CA SER A 177 6.25 -5.14 9.90
C SER A 177 7.52 -5.99 9.96
N PRO A 178 8.23 -6.29 8.85
CA PRO A 178 9.45 -7.08 9.01
C PRO A 178 10.43 -6.44 9.97
N VAL A 179 10.44 -5.11 10.07
CA VAL A 179 11.27 -4.46 11.07
C VAL A 179 10.79 -4.84 12.46
N GLN A 180 9.47 -4.87 12.68
CA GLN A 180 8.95 -5.29 13.98
C GLN A 180 9.35 -6.73 14.24
N ILE A 181 9.34 -7.57 13.19
CA ILE A 181 9.71 -8.97 13.33
C ILE A 181 11.16 -9.11 13.73
N ARG A 182 12.04 -8.32 13.10
CA ARG A 182 13.44 -8.35 13.48
C ARG A 182 13.62 -7.94 14.93
N THR A 183 12.85 -6.92 15.36
CA THR A 183 12.98 -6.43 16.73
C THR A 183 12.57 -7.51 17.72
N LEU A 184 11.57 -8.32 17.38
CA LEU A 184 11.14 -9.37 18.29
C LEU A 184 12.17 -10.47 18.43
N LEU A 185 12.84 -10.83 17.33
CA LEU A 185 13.97 -11.77 17.40
C LEU A 185 15.10 -11.21 18.26
N ALA A 186 15.43 -9.93 18.10
CA ALA A 186 16.66 -9.35 18.63
C ALA A 186 16.56 -8.89 20.09
N ARG A 187 15.37 -8.60 20.60
CA ARG A 187 15.21 -8.02 21.93
C ARG A 187 14.52 -8.96 22.92
N GLU A 188 14.65 -8.64 24.20
CA GLU A 188 13.96 -9.36 25.27
C GLU A 188 12.57 -8.78 25.47
N LEU A 189 11.67 -9.61 25.97
CA LEU A 189 10.33 -9.07 26.20
C LEU A 189 10.23 -8.42 27.57
N PRO A 190 9.30 -7.49 27.78
CA PRO A 190 8.34 -6.93 26.82
C PRO A 190 8.97 -5.98 25.79
N VAL A 191 8.24 -5.82 24.67
CA VAL A 191 8.67 -5.06 23.52
C VAL A 191 7.58 -4.05 23.20
N TYR A 192 7.92 -2.76 23.20
CA TYR A 192 7.03 -1.70 22.77
C TYR A 192 7.77 -0.84 21.74
N ILE A 193 7.26 -0.82 20.51
CA ILE A 193 8.10 -0.52 19.35
C ILE A 193 7.29 0.20 18.29
N ILE A 194 7.82 1.33 17.84
CA ILE A 194 7.32 2.06 16.68
C ILE A 194 8.35 1.86 15.58
N SER A 195 7.88 1.69 14.34
CA SER A 195 8.82 1.66 13.24
C SER A 195 8.26 2.44 12.07
N ILE A 196 9.10 3.31 11.53
CA ILE A 196 8.70 4.31 10.56
C ILE A 196 9.71 4.23 9.43
N GLY A 197 9.24 4.10 8.21
CA GLY A 197 10.22 3.89 7.15
C GLY A 197 9.57 3.99 5.79
N ARG A 198 10.44 4.03 4.79
CA ARG A 198 10.01 3.99 3.40
C ARG A 198 9.50 2.59 3.06
N THR A 199 8.38 2.52 2.32
CA THR A 199 7.77 1.26 1.93
C THR A 199 7.28 1.36 0.50
N PHE A 200 7.08 0.22 -0.14
CA PHE A 200 6.98 0.16 -1.60
C PHE A 200 5.81 -0.71 -2.04
N ARG A 201 4.92 -0.12 -2.83
CA ARG A 201 3.76 -0.82 -3.38
C ARG A 201 3.65 -0.45 -4.85
N THR A 202 3.14 -1.39 -5.66
CA THR A 202 3.10 -1.18 -7.11
C THR A 202 1.89 -0.36 -7.55
N ASP A 203 1.64 0.77 -6.90
CA ASP A 203 0.55 1.68 -7.24
C ASP A 203 1.05 2.78 -8.16
N GLU A 204 0.29 3.09 -9.21
CA GLU A 204 0.67 4.21 -10.04
C GLU A 204 0.53 5.52 -9.26
N LEU A 205 1.44 6.45 -9.51
CA LEU A 205 1.41 7.74 -8.82
C LEU A 205 0.26 8.58 -9.35
N ASP A 206 -0.72 8.87 -8.49
CA ASP A 206 -1.77 9.81 -8.84
C ASP A 206 -2.03 10.67 -7.61
N ALA A 207 -3.15 11.39 -7.60
CA ALA A 207 -3.38 12.37 -6.53
C ALA A 207 -3.57 11.71 -5.16
N THR A 208 -3.93 10.42 -5.10
CA THR A 208 -4.17 9.81 -3.81
C THR A 208 -3.36 8.55 -3.58
N HIS A 209 -2.38 8.24 -4.45
CA HIS A 209 -1.54 7.07 -4.29
C HIS A 209 -0.09 7.39 -4.66
N THR A 210 0.85 6.79 -3.92
CA THR A 210 2.23 6.87 -4.36
C THR A 210 2.89 5.51 -4.21
N PRO A 211 3.69 5.10 -5.19
CA PRO A 211 4.37 3.79 -5.09
C PRO A 211 5.44 3.77 -4.01
N ILE A 212 6.06 4.91 -3.74
CA ILE A 212 7.04 5.06 -2.67
C ILE A 212 6.38 5.88 -1.57
N PHE A 213 6.09 5.24 -0.46
CA PHE A 213 5.39 5.93 0.60
C PHE A 213 6.07 5.64 1.92
N HIS A 214 5.56 6.24 2.99
CA HIS A 214 6.19 6.13 4.30
C HIS A 214 5.16 5.66 5.29
N GLN A 215 5.50 4.64 6.07
CA GLN A 215 4.52 4.04 6.95
C GLN A 215 4.98 4.10 8.40
N VAL A 216 4.01 4.15 9.30
CA VAL A 216 4.27 3.97 10.72
C VAL A 216 3.56 2.71 11.20
N GLU A 217 4.25 1.92 12.01
CA GLU A 217 3.65 0.73 12.61
C GLU A 217 4.06 0.64 14.07
N GLY A 218 3.17 0.04 14.85
CA GLY A 218 3.41 -0.17 16.26
C GLY A 218 3.25 -1.64 16.57
N LEU A 219 3.94 -2.07 17.63
CA LEU A 219 3.83 -3.42 18.14
C LEU A 219 4.05 -3.38 19.64
N ALA A 220 3.07 -3.84 20.39
CA ALA A 220 3.22 -4.07 21.82
C ALA A 220 3.06 -5.56 22.07
N VAL A 221 4.10 -6.19 22.63
CA VAL A 221 4.07 -7.58 23.07
C VAL A 221 4.44 -7.63 24.54
N ASP A 222 3.52 -8.11 25.37
CA ASP A 222 3.67 -8.12 26.83
C ASP A 222 2.76 -9.22 27.39
N ARG A 223 2.73 -9.36 28.71
CA ARG A 223 1.79 -10.28 29.37
C ARG A 223 0.47 -9.57 29.63
N GLY A 224 -0.63 -10.14 29.15
CA GLY A 224 -1.94 -9.60 29.45
C GLY A 224 -2.44 -8.47 28.57
N LEU A 225 -1.86 -8.28 27.38
CA LEU A 225 -2.36 -7.21 26.51
C LEU A 225 -3.66 -7.62 25.82
N SER A 226 -4.56 -6.65 25.64
CA SER A 226 -5.87 -6.90 25.06
C SER A 226 -6.23 -5.83 24.04
N MET A 227 -7.36 -6.05 23.36
CA MET A 227 -7.92 -5.01 22.49
C MET A 227 -8.11 -3.69 23.23
N ALA A 228 -8.41 -3.77 24.53
CA ALA A 228 -8.58 -2.55 25.31
C ALA A 228 -7.31 -1.71 25.25
N HIS A 229 -6.16 -2.37 25.36
CA HIS A 229 -4.90 -1.65 25.30
C HIS A 229 -4.63 -1.13 23.89
N LEU A 230 -4.91 -1.96 22.89
CA LEU A 230 -4.84 -1.52 21.50
C LEU A 230 -5.62 -0.21 21.30
N ARG A 231 -6.85 -0.14 21.83
CA ARG A 231 -7.65 1.08 21.64
C ARG A 231 -7.07 2.28 22.40
N GLY A 232 -6.54 2.05 23.61
CA GLY A 232 -5.94 3.15 24.34
C GLY A 232 -4.74 3.75 23.63
N THR A 233 -3.84 2.90 23.14
CA THR A 233 -2.72 3.37 22.32
C THR A 233 -3.21 4.14 21.10
N LEU A 234 -4.15 3.56 20.35
CA LEU A 234 -4.66 4.22 19.16
C LEU A 234 -5.29 5.56 19.51
N ASP A 235 -5.93 5.66 20.67
CA ASP A 235 -6.60 6.90 21.04
C ASP A 235 -5.59 7.96 21.46
N ALA A 236 -4.57 7.57 22.24
CA ALA A 236 -3.47 8.48 22.53
C ALA A 236 -2.82 9.01 21.26
N PHE A 237 -2.48 8.09 20.34
CA PHE A 237 -1.90 8.48 19.06
C PHE A 237 -2.77 9.49 18.31
N ALA A 238 -4.09 9.29 18.32
CA ALA A 238 -4.98 10.18 17.60
C ALA A 238 -5.04 11.56 18.25
N ARG A 239 -5.08 11.60 19.58
CA ARG A 239 -5.02 12.88 20.29
C ARG A 239 -3.76 13.65 19.93
N ALA A 240 -2.62 12.96 19.87
CA ALA A 240 -1.36 13.62 19.51
C ALA A 240 -1.41 14.23 18.11
N GLU A 241 -1.93 13.50 17.14
CA GLU A 241 -1.85 14.00 15.78
C GLU A 241 -3.09 14.78 15.35
N PHE A 242 -4.17 14.75 16.14
CA PHE A 242 -5.41 15.35 15.69
C PHE A 242 -6.17 16.19 16.71
N GLY A 243 -5.64 16.37 17.92
CA GLY A 243 -6.25 17.26 18.88
C GLY A 243 -6.93 16.51 20.00
N PRO A 244 -7.24 17.21 21.09
CA PRO A 244 -7.81 16.51 22.26
C PRO A 244 -9.22 15.99 22.03
N SER A 245 -9.90 16.46 20.99
CA SER A 245 -11.24 15.97 20.69
C SER A 245 -11.26 14.68 19.90
N ALA A 246 -10.11 14.19 19.44
CA ALA A 246 -10.08 13.05 18.53
C ALA A 246 -10.14 11.74 19.30
N ARG A 247 -10.77 10.74 18.69
CA ARG A 247 -10.65 9.38 19.15
C ARG A 247 -10.75 8.46 17.94
N THR A 248 -10.73 7.16 18.22
CA THR A 248 -10.81 6.15 17.17
C THR A 248 -11.98 5.21 17.41
N ARG A 249 -12.43 4.61 16.33
CA ARG A 249 -13.30 3.45 16.38
C ARG A 249 -12.64 2.33 15.58
N ILE A 250 -12.95 1.09 15.93
CA ILE A 250 -12.45 -0.07 15.21
C ILE A 250 -13.63 -0.91 14.76
N ARG A 251 -13.53 -1.50 13.58
CA ARG A 251 -14.63 -2.37 13.18
C ARG A 251 -13.96 -3.52 12.43
N PRO A 252 -14.52 -4.73 12.50
CA PRO A 252 -13.72 -5.91 12.10
C PRO A 252 -13.30 -5.87 10.65
N HIS A 253 -12.08 -6.37 10.39
CA HIS A 253 -11.57 -6.59 9.04
C HIS A 253 -10.73 -7.86 9.09
N PHE A 254 -9.72 -7.98 8.22
CA PHE A 254 -8.90 -9.19 8.18
C PHE A 254 -7.49 -8.84 7.71
N PHE A 255 -6.48 -9.30 8.44
CA PHE A 255 -5.09 -9.29 7.97
C PHE A 255 -4.46 -10.60 8.39
N PRO A 256 -3.51 -11.13 7.61
CA PRO A 256 -2.97 -12.46 7.91
C PRO A 256 -2.17 -12.54 9.21
N PHE A 257 -1.50 -11.45 9.59
CA PHE A 257 -0.68 -11.32 10.79
C PHE A 257 -1.43 -10.90 12.05
N THR A 258 -2.74 -10.69 12.01
CA THR A 258 -3.49 -10.37 13.20
C THR A 258 -4.75 -11.24 13.28
N GLU A 259 -5.28 -11.38 14.51
CA GLU A 259 -6.52 -12.12 14.81
C GLU A 259 -6.99 -11.90 16.25
N PRO A 260 -8.04 -11.10 16.48
CA PRO A 260 -8.89 -10.31 15.58
C PRO A 260 -8.14 -9.23 14.78
N SER A 261 -8.71 -8.82 13.67
CA SER A 261 -8.19 -7.71 12.89
C SER A 261 -9.28 -6.64 12.79
N ALA A 262 -8.87 -5.41 12.61
CA ALA A 262 -9.86 -4.35 12.53
C ALA A 262 -9.31 -3.22 11.69
N GLU A 263 -10.21 -2.46 11.10
CA GLU A 263 -9.84 -1.21 10.46
C GLU A 263 -10.12 -0.06 11.42
N VAL A 264 -9.20 0.92 11.46
CA VAL A 264 -9.24 2.03 12.40
C VAL A 264 -9.72 3.28 11.69
N ASP A 265 -10.74 3.90 12.25
CA ASP A 265 -11.22 5.20 11.79
C ASP A 265 -10.88 6.23 12.85
N VAL A 266 -10.47 7.42 12.42
CA VAL A 266 -10.13 8.49 13.34
C VAL A 266 -11.21 9.57 13.27
N TRP A 267 -11.65 10.04 14.44
CA TRP A 267 -12.61 11.16 14.50
C TRP A 267 -11.83 12.45 14.39
N PHE A 268 -11.89 13.04 13.21
CA PHE A 268 -11.11 14.23 12.90
C PHE A 268 -11.99 15.43 13.22
N ALA A 269 -11.89 15.93 14.46
CA ALA A 269 -12.79 17.02 14.84
C ALA A 269 -12.29 18.37 14.34
N ASN A 270 -10.99 18.63 14.50
CA ASN A 270 -10.46 19.99 14.37
C ASN A 270 -10.87 20.63 13.04
N LYS A 271 -10.85 19.85 11.95
CA LYS A 271 -11.37 20.31 10.67
C LYS A 271 -11.84 19.15 9.81
N ILE A 272 -11.67 19.30 8.49
CA ILE A 272 -12.15 18.52 7.34
C ILE A 272 -13.30 19.34 6.74
N GLY A 273 -13.52 20.53 7.29
CA GLY A 273 -14.69 21.31 6.94
C GLY A 273 -15.95 20.80 7.59
N GLY A 274 -15.86 20.35 8.86
CA GLY A 274 -16.97 19.74 9.56
C GLY A 274 -16.72 18.28 9.91
N ALA A 275 -16.47 18.03 11.20
CA ALA A 275 -15.94 16.75 11.67
C ALA A 275 -16.66 15.54 11.07
N ALA A 276 -15.86 14.53 10.74
CA ALA A 276 -16.35 13.28 10.17
C ALA A 276 -15.33 12.19 10.48
N TRP A 277 -15.77 10.94 10.38
CA TRP A 277 -14.85 9.84 10.49
C TRP A 277 -14.05 9.72 9.21
N VAL A 278 -12.78 9.36 9.37
CA VAL A 278 -11.87 9.19 8.24
C VAL A 278 -11.12 7.90 8.46
N GLU A 279 -11.05 7.06 7.42
CA GLU A 279 -10.34 5.80 7.52
C GLU A 279 -8.85 6.07 7.67
N TRP A 280 -8.26 5.65 8.80
CA TRP A 280 -6.89 5.97 9.16
C TRP A 280 -5.91 4.86 8.84
N GLY A 281 -6.15 3.67 9.38
CA GLY A 281 -5.29 2.53 9.10
C GLY A 281 -5.90 1.25 9.63
N GLY A 282 -5.06 0.32 10.06
CA GLY A 282 -5.53 -0.97 10.50
C GLY A 282 -4.75 -1.44 11.70
N CYS A 283 -5.35 -2.34 12.46
CA CYS A 283 -4.76 -2.82 13.70
C CYS A 283 -5.26 -4.24 13.93
N GLY A 284 -4.83 -4.82 15.03
CA GLY A 284 -5.26 -6.14 15.41
C GLY A 284 -4.37 -6.71 16.48
N MET A 285 -4.77 -7.88 16.99
CA MET A 285 -3.95 -8.62 17.94
C MET A 285 -3.01 -9.53 17.16
N VAL A 286 -1.74 -9.60 17.59
CA VAL A 286 -0.75 -10.33 16.80
C VAL A 286 -1.13 -11.80 16.73
N HIS A 287 -1.12 -12.36 15.52
CA HIS A 287 -1.52 -13.73 15.31
C HIS A 287 -0.56 -14.70 15.99
N PRO A 288 -1.05 -15.78 16.61
CA PRO A 288 -0.16 -16.71 17.32
C PRO A 288 0.91 -17.32 16.43
N ASN A 289 0.62 -17.52 15.15
CA ASN A 289 1.63 -18.05 14.25
C ASN A 289 2.79 -17.09 14.09
N VAL A 290 2.53 -15.79 14.27
CA VAL A 290 3.60 -14.82 14.21
C VAL A 290 4.42 -14.90 15.49
N LEU A 291 3.74 -15.11 16.61
CA LEU A 291 4.45 -15.28 17.88
C LEU A 291 5.33 -16.53 17.86
N ARG A 292 4.87 -17.63 17.26
CA ARG A 292 5.72 -18.82 17.23
C ARG A 292 6.91 -18.60 16.31
N ALA A 293 6.70 -17.96 15.16
CA ALA A 293 7.79 -17.75 14.23
C ALA A 293 8.83 -16.77 14.75
N THR A 294 8.61 -16.18 15.92
CA THR A 294 9.63 -15.38 16.59
C THR A 294 9.95 -15.90 17.99
N GLY A 295 9.65 -17.17 18.26
CA GLY A 295 10.05 -17.78 19.51
C GLY A 295 9.32 -17.31 20.75
N ILE A 296 8.08 -16.86 20.62
CA ILE A 296 7.31 -16.33 21.75
C ILE A 296 6.13 -17.24 22.03
N ASP A 297 5.90 -17.54 23.30
CA ASP A 297 4.86 -18.50 23.67
C ASP A 297 3.51 -17.80 23.75
N PRO A 298 2.59 -18.02 22.81
CA PRO A 298 1.34 -17.26 22.82
C PRO A 298 0.43 -17.58 23.99
N ASP A 299 0.79 -18.52 24.84
CA ASP A 299 0.01 -18.75 26.05
C ASP A 299 0.48 -17.90 27.22
N LEU A 300 1.69 -17.32 27.13
CA LEU A 300 2.19 -16.40 28.15
C LEU A 300 2.11 -14.95 27.73
N TYR A 301 2.29 -14.65 26.44
CA TYR A 301 2.37 -13.29 25.94
C TYR A 301 1.31 -13.06 24.87
N SER A 302 0.73 -11.85 24.88
CA SER A 302 -0.12 -11.41 23.79
C SER A 302 0.45 -10.13 23.19
N GLY A 303 -0.03 -9.78 22.01
CA GLY A 303 0.49 -8.62 21.30
C GLY A 303 -0.58 -7.94 20.49
N PHE A 304 -0.49 -6.62 20.41
CA PHE A 304 -1.26 -5.86 19.44
C PHE A 304 -0.32 -5.10 18.50
N ALA A 305 -0.90 -4.60 17.42
CA ALA A 305 -0.13 -3.96 16.36
C ALA A 305 -1.07 -3.11 15.51
N PHE A 306 -0.52 -2.08 14.88
CA PHE A 306 -1.30 -1.19 14.05
C PHE A 306 -0.36 -0.55 13.03
N GLY A 307 -0.95 0.06 12.01
CA GLY A 307 -0.16 0.76 11.03
C GLY A 307 -0.93 1.84 10.31
N MET A 308 -0.30 2.98 10.04
CA MET A 308 -0.96 4.03 9.30
C MET A 308 0.02 4.57 8.28
N GLY A 309 -0.49 4.98 7.09
CA GLY A 309 0.34 5.59 6.08
C GLY A 309 0.48 7.10 6.27
N LEU A 310 1.72 7.58 6.20
CA LEU A 310 1.98 8.98 6.55
C LEU A 310 1.48 9.92 5.47
N GLU A 311 1.74 9.60 4.19
CA GLU A 311 1.20 10.41 3.10
C GLU A 311 -0.33 10.47 3.18
N ARG A 312 -0.99 9.33 3.41
CA ARG A 312 -2.42 9.30 3.67
C ARG A 312 -2.81 10.24 4.83
N THR A 313 -2.15 10.09 5.99
CA THR A 313 -2.48 10.96 7.14
C THR A 313 -2.29 12.43 6.78
N LEU A 314 -1.16 12.78 6.18
CA LEU A 314 -0.93 14.17 5.81
C LEU A 314 -1.98 14.67 4.83
N GLN A 315 -2.33 13.86 3.82
CA GLN A 315 -3.32 14.27 2.83
C GLN A 315 -4.63 14.70 3.48
N PHE A 316 -5.20 13.85 4.34
CA PHE A 316 -6.52 14.21 4.84
C PHE A 316 -6.45 15.14 6.03
N ARG A 317 -5.33 15.19 6.75
CA ARG A 317 -5.27 16.13 7.86
C ARG A 317 -5.12 17.56 7.37
N ASN A 318 -4.22 17.77 6.41
CA ASN A 318 -3.88 19.11 5.95
C ASN A 318 -4.74 19.56 4.78
N GLY A 319 -5.48 18.65 4.15
CA GLY A 319 -6.24 18.98 2.97
C GLY A 319 -5.36 19.19 1.76
N ILE A 320 -4.53 18.20 1.45
CA ILE A 320 -3.56 18.30 0.36
C ILE A 320 -4.07 17.47 -0.82
N PRO A 321 -4.65 18.10 -1.82
CA PRO A 321 -5.44 17.32 -2.79
C PRO A 321 -4.61 16.41 -3.67
N ASP A 322 -3.30 16.63 -3.80
CA ASP A 322 -2.49 15.92 -4.79
C ASP A 322 -1.21 15.38 -4.14
N MET A 323 -1.16 14.05 -3.91
CA MET A 323 0.05 13.46 -3.32
C MET A 323 1.27 13.64 -4.18
N ARG A 324 1.12 13.90 -5.48
CA ARG A 324 2.32 14.18 -6.28
C ARG A 324 3.11 15.33 -5.68
N ASP A 325 2.45 16.28 -5.02
CA ASP A 325 3.18 17.37 -4.40
C ASP A 325 4.03 16.89 -3.24
N MET A 326 3.60 15.83 -2.55
CA MET A 326 4.41 15.28 -1.46
C MET A 326 5.72 14.66 -1.97
N VAL A 327 5.71 14.05 -3.16
CA VAL A 327 6.86 13.25 -3.60
C VAL A 327 7.72 13.91 -4.66
N GLU A 328 7.24 14.95 -5.35
CA GLU A 328 7.94 15.45 -6.53
C GLU A 328 9.13 16.35 -6.19
N GLY A 329 9.23 16.86 -4.96
CA GLY A 329 10.40 17.67 -4.59
C GLY A 329 10.38 19.11 -5.04
N ASP A 330 9.22 19.70 -5.26
CA ASP A 330 9.13 21.11 -5.56
C ASP A 330 9.38 21.89 -4.27
N VAL A 331 10.33 22.82 -4.29
CA VAL A 331 10.63 23.56 -3.07
C VAL A 331 9.41 24.35 -2.62
N ARG A 332 8.46 24.64 -3.53
CA ARG A 332 7.29 25.41 -3.12
C ARG A 332 6.37 24.60 -2.23
N PHE A 333 6.46 23.29 -2.28
CA PHE A 333 5.61 22.50 -1.42
C PHE A 333 6.14 22.44 0.00
N SER A 334 7.48 22.45 0.18
CA SER A 334 8.08 22.27 1.51
C SER A 334 8.23 23.59 2.27
N LEU A 335 8.77 24.61 1.62
CA LEU A 335 9.04 25.88 2.30
C LEU A 335 7.92 26.36 3.22
N PRO A 336 6.65 26.41 2.81
CA PRO A 336 5.59 26.86 3.74
C PRO A 336 5.48 26.04 5.02
N PHE A 337 6.11 24.88 5.10
CA PHE A 337 6.04 24.08 6.32
C PHE A 337 7.07 24.50 7.36
N GLY A 338 7.93 25.45 7.03
CA GLY A 338 8.97 25.88 7.96
C GLY A 338 10.22 25.06 7.86
N VAL A 339 11.16 25.38 8.75
CA VAL A 339 12.48 24.73 8.70
C VAL A 339 12.39 23.30 9.22
N GLY A 340 11.63 23.09 10.29
CA GLY A 340 11.65 21.82 11.01
C GLY A 340 12.70 21.75 12.10
N ALA A 341 13.46 22.83 12.31
CA ALA A 341 14.36 22.88 13.43
C ALA A 341 13.53 23.06 14.68
N MET B 1 -18.95 -8.55 -4.33
CA MET B 1 -20.14 -9.37 -4.49
C MET B 1 -21.42 -8.57 -4.30
N ARG B 2 -22.19 -8.45 -5.37
CA ARG B 2 -23.48 -7.79 -5.32
C ARG B 2 -24.56 -8.82 -5.05
N LEU B 3 -25.55 -8.45 -4.24
CA LEU B 3 -26.75 -9.25 -4.14
C LEU B 3 -27.89 -8.34 -3.70
N PRO B 4 -29.13 -8.72 -3.95
CA PRO B 4 -30.26 -7.84 -3.61
C PRO B 4 -30.93 -8.21 -2.30
N TYR B 5 -31.46 -7.17 -1.64
CA TYR B 5 -31.98 -7.30 -0.28
C TYR B 5 -33.15 -8.27 -0.22
N SER B 6 -34.01 -8.28 -1.25
CA SER B 6 -35.18 -9.14 -1.25
C SER B 6 -34.79 -10.61 -1.15
N TRP B 7 -33.86 -11.04 -1.99
CA TRP B 7 -33.37 -12.41 -1.92
C TRP B 7 -32.79 -12.69 -0.55
N LEU B 8 -31.96 -11.78 -0.05
CA LEU B 8 -31.35 -11.97 1.26
C LEU B 8 -32.40 -11.96 2.33
N ARG B 9 -33.43 -11.14 2.16
CA ARG B 9 -34.52 -11.12 3.12
C ARG B 9 -35.31 -12.39 3.09
N GLU B 10 -35.61 -12.88 1.90
CA GLU B 10 -36.35 -14.15 1.73
C GLU B 10 -35.67 -15.32 2.43
N VAL B 11 -34.35 -15.45 2.28
CA VAL B 11 -33.64 -16.58 2.87
C VAL B 11 -33.64 -16.47 4.40
N VAL B 12 -33.45 -15.24 4.93
CA VAL B 12 -33.45 -15.02 6.37
C VAL B 12 -34.83 -15.29 6.94
N ALA B 13 -35.86 -14.97 6.17
CA ALA B 13 -37.24 -15.02 6.62
C ALA B 13 -37.75 -16.44 6.88
N VAL B 14 -37.14 -17.46 6.27
CA VAL B 14 -37.61 -18.82 6.46
C VAL B 14 -37.63 -19.19 7.95
N GLY B 15 -36.60 -18.82 8.70
CA GLY B 15 -36.53 -19.22 10.10
C GLY B 15 -36.89 -18.12 11.07
N ALA B 16 -37.16 -16.92 10.55
CA ALA B 16 -37.58 -15.77 11.36
C ALA B 16 -38.50 -14.94 10.47
N SER B 17 -39.72 -15.45 10.31
CA SER B 17 -40.66 -14.85 9.38
C SER B 17 -41.04 -13.43 9.82
N GLY B 18 -41.20 -12.55 8.84
CA GLY B 18 -41.49 -11.17 9.10
C GLY B 18 -40.27 -10.28 9.26
N TRP B 19 -39.07 -10.86 9.25
CA TRP B 19 -37.86 -10.06 9.37
C TRP B 19 -37.80 -9.03 8.26
N ASP B 20 -37.40 -7.82 8.62
CA ASP B 20 -37.28 -6.71 7.68
C ASP B 20 -36.59 -5.55 8.39
N VAL B 21 -35.69 -4.88 7.67
CA VAL B 21 -34.87 -3.81 8.23
C VAL B 21 -34.58 -2.80 7.11
N THR B 22 -34.33 -1.54 7.47
CA THR B 22 -34.03 -0.54 6.46
C THR B 22 -32.67 -0.83 5.80
N PRO B 23 -32.40 -0.26 4.62
CA PRO B 23 -31.04 -0.38 4.08
C PRO B 23 -29.99 0.18 5.04
N GLY B 24 -30.27 1.31 5.68
CA GLY B 24 -29.33 1.94 6.59
C GLY B 24 -28.91 1.00 7.69
N GLU B 25 -29.91 0.47 8.42
CA GLU B 25 -29.64 -0.49 9.49
C GLU B 25 -28.90 -1.71 8.98
N LEU B 26 -29.26 -2.19 7.78
CA LEU B 26 -28.57 -3.36 7.24
C LEU B 26 -27.11 -3.01 6.96
N GLU B 27 -26.89 -1.86 6.31
CA GLU B 27 -25.52 -1.42 6.07
C GLU B 27 -24.72 -1.41 7.38
N GLN B 28 -25.28 -0.77 8.40
CA GLN B 28 -24.55 -0.65 9.67
C GLN B 28 -24.28 -2.01 10.29
N THR B 29 -25.28 -2.87 10.33
CA THR B 29 -25.07 -4.20 10.91
C THR B 29 -24.02 -4.97 10.14
N LEU B 30 -24.01 -4.84 8.82
CA LEU B 30 -23.00 -5.54 8.04
C LEU B 30 -21.61 -5.06 8.40
N LEU B 31 -21.41 -3.73 8.45
CA LEU B 31 -20.09 -3.20 8.83
C LEU B 31 -19.69 -3.65 10.22
N ARG B 32 -20.64 -3.65 11.16
CA ARG B 32 -20.27 -3.90 12.54
C ARG B 32 -19.74 -5.31 12.73
N ILE B 33 -20.17 -6.26 11.90
CA ILE B 33 -19.70 -7.65 12.06
C ILE B 33 -18.57 -8.02 11.11
N GLY B 34 -18.17 -7.14 10.17
CA GLY B 34 -16.94 -7.38 9.46
C GLY B 34 -16.97 -7.31 7.96
N HIS B 35 -18.13 -6.97 7.38
CA HIS B 35 -18.32 -6.99 5.93
C HIS B 35 -18.30 -5.57 5.40
N GLU B 36 -17.33 -5.26 4.55
CA GLU B 36 -17.23 -3.93 3.98
C GLU B 36 -18.36 -3.73 2.98
N VAL B 37 -19.18 -2.71 3.19
CA VAL B 37 -20.23 -2.35 2.24
C VAL B 37 -19.69 -1.25 1.32
N GLU B 38 -19.43 -1.59 0.07
CA GLU B 38 -18.90 -0.57 -0.83
C GLU B 38 -19.98 0.39 -1.30
N GLU B 39 -21.19 -0.09 -1.64
CA GLU B 39 -22.20 0.87 -2.08
C GLU B 39 -23.53 0.27 -1.66
N VAL B 40 -24.52 1.12 -1.47
CA VAL B 40 -25.89 0.68 -1.33
C VAL B 40 -26.66 1.30 -2.47
N ILE B 41 -27.17 0.47 -3.37
CA ILE B 41 -27.91 0.96 -4.52
C ILE B 41 -29.36 0.54 -4.38
N PRO B 42 -30.26 1.45 -4.02
CA PRO B 42 -31.69 1.22 -4.26
C PRO B 42 -31.99 1.44 -5.74
N LEU B 43 -32.93 0.66 -6.25
CA LEU B 43 -33.12 0.63 -7.69
C LEU B 43 -33.83 1.90 -8.13
N GLY B 44 -33.16 2.63 -9.05
CA GLY B 44 -33.48 4.01 -9.36
C GLY B 44 -34.95 4.12 -9.54
N PRO B 45 -35.54 5.18 -9.00
CA PRO B 45 -36.99 5.28 -8.97
C PRO B 45 -37.56 5.75 -10.31
N VAL B 46 -38.77 5.28 -10.60
CA VAL B 46 -39.52 5.75 -11.75
C VAL B 46 -40.84 6.33 -11.27
N ASP B 47 -41.38 7.26 -12.06
CA ASP B 47 -42.72 7.77 -11.83
C ASP B 47 -43.48 7.80 -13.15
N GLY B 48 -44.78 7.47 -13.06
CA GLY B 48 -45.70 7.62 -14.15
C GLY B 48 -45.71 6.45 -15.12
N PRO B 49 -45.99 6.76 -16.39
CA PRO B 49 -46.15 5.69 -17.38
C PRO B 49 -44.84 5.00 -17.76
N VAL B 50 -44.39 4.08 -16.89
CA VAL B 50 -43.32 3.13 -17.21
C VAL B 50 -43.96 1.75 -17.08
N THR B 51 -44.31 1.15 -18.21
CA THR B 51 -45.05 -0.12 -18.24
C THR B 51 -44.39 -1.11 -19.18
N VAL B 52 -44.74 -2.38 -18.97
CA VAL B 52 -44.41 -3.40 -19.94
C VAL B 52 -45.09 -3.09 -21.27
N GLY B 53 -44.36 -3.25 -22.38
CA GLY B 53 -44.95 -3.21 -23.70
C GLY B 53 -44.58 -4.46 -24.47
N ARG B 54 -45.29 -4.71 -25.55
CA ARG B 54 -44.93 -5.79 -26.48
C ARG B 54 -44.67 -5.18 -27.84
N VAL B 55 -43.60 -5.61 -28.49
CA VAL B 55 -43.26 -4.99 -29.78
C VAL B 55 -44.12 -5.66 -30.85
N ALA B 56 -45.06 -4.92 -31.42
CA ALA B 56 -45.96 -5.54 -32.39
C ALA B 56 -45.50 -5.37 -33.83
N ASP B 57 -44.59 -4.44 -34.09
CA ASP B 57 -44.18 -4.20 -35.47
C ASP B 57 -42.89 -3.41 -35.44
N ILE B 58 -41.96 -3.76 -36.33
CA ILE B 58 -40.65 -3.09 -36.46
C ILE B 58 -40.51 -2.65 -37.91
N GLU B 59 -40.01 -1.44 -38.09
CA GLU B 59 -39.79 -0.85 -39.42
C GLU B 59 -38.40 -0.24 -39.45
N GLU B 60 -37.49 -0.83 -40.24
CA GLU B 60 -36.11 -0.34 -40.26
C GLU B 60 -36.03 0.97 -41.03
N LEU B 61 -35.70 2.05 -40.31
CA LEU B 61 -35.51 3.37 -40.90
C LEU B 61 -34.13 3.43 -41.57
N THR B 62 -34.12 3.77 -42.85
CA THR B 62 -32.88 3.85 -43.62
C THR B 62 -32.57 5.31 -43.93
N GLY B 63 -31.29 5.56 -44.20
CA GLY B 63 -30.82 6.89 -44.52
C GLY B 63 -30.07 7.60 -43.41
N TYR B 64 -29.78 6.93 -42.30
CA TYR B 64 -29.09 7.52 -41.18
C TYR B 64 -27.82 6.72 -40.91
N LYS B 65 -27.04 7.19 -39.94
CA LYS B 65 -25.74 6.58 -39.65
C LYS B 65 -25.91 5.15 -39.14
N LYS B 66 -26.59 5.00 -38.01
CA LYS B 66 -26.87 3.71 -37.39
C LYS B 66 -28.20 3.16 -37.86
N PRO B 67 -28.47 1.87 -37.61
CA PRO B 67 -29.82 1.35 -37.85
C PRO B 67 -30.78 1.87 -36.80
N ILE B 68 -31.91 2.41 -37.26
CA ILE B 68 -32.95 2.99 -36.41
C ILE B 68 -34.25 2.25 -36.68
N ARG B 69 -35.09 2.14 -35.67
CA ARG B 69 -36.33 1.38 -35.76
C ARG B 69 -37.51 2.22 -35.31
N ALA B 70 -38.52 2.32 -36.15
CA ALA B 70 -39.84 2.81 -35.73
C ALA B 70 -40.67 1.59 -35.34
N CYS B 71 -41.11 1.55 -34.08
CA CYS B 71 -41.76 0.37 -33.53
C CYS B 71 -43.19 0.70 -33.12
N ALA B 72 -44.12 -0.19 -33.44
CA ALA B 72 -45.43 -0.19 -32.85
C ALA B 72 -45.39 -1.07 -31.59
N VAL B 73 -45.74 -0.49 -30.44
CA VAL B 73 -45.65 -1.18 -29.15
C VAL B 73 -47.03 -1.25 -28.55
N ASP B 74 -47.51 -2.46 -28.27
CA ASP B 74 -48.74 -2.65 -27.54
C ASP B 74 -48.47 -2.33 -26.07
N ILE B 75 -49.08 -1.24 -25.58
CA ILE B 75 -48.84 -0.73 -24.23
C ILE B 75 -50.00 -1.03 -23.28
N GLY B 76 -50.98 -1.82 -23.71
CA GLY B 76 -52.09 -2.16 -22.84
C GLY B 76 -53.43 -1.65 -23.36
N ASP B 77 -54.53 -2.29 -22.94
CA ASP B 77 -55.88 -1.89 -23.30
C ASP B 77 -55.97 -1.53 -24.79
N ARG B 78 -55.28 -2.32 -25.61
CA ARG B 78 -55.37 -2.26 -27.06
C ARG B 78 -54.87 -0.93 -27.63
N GLN B 79 -54.15 -0.14 -26.83
CA GLN B 79 -53.46 1.06 -27.31
C GLN B 79 -52.10 0.70 -27.90
N TYR B 80 -51.85 1.17 -29.13
CA TYR B 80 -50.57 0.93 -29.80
C TYR B 80 -49.90 2.29 -29.99
N ARG B 81 -48.67 2.44 -29.50
CA ARG B 81 -47.90 3.66 -29.65
C ARG B 81 -46.69 3.44 -30.56
N GLU B 82 -46.35 4.46 -31.37
CA GLU B 82 -45.16 4.42 -32.21
C GLU B 82 -43.97 4.94 -31.41
N ILE B 83 -42.85 4.20 -31.44
CA ILE B 83 -41.68 4.54 -30.61
C ILE B 83 -40.39 4.32 -31.41
N ILE B 84 -39.49 5.34 -31.42
CA ILE B 84 -38.15 5.21 -32.00
C ILE B 84 -37.18 4.58 -31.00
N CYS B 85 -36.40 3.62 -31.48
CA CYS B 85 -35.42 2.95 -30.66
C CYS B 85 -34.20 2.62 -31.51
N GLY B 86 -33.03 2.70 -30.90
CA GLY B 86 -31.80 2.54 -31.64
C GLY B 86 -31.13 1.20 -31.43
N ALA B 87 -31.55 0.49 -30.39
CA ALA B 87 -31.01 -0.83 -30.13
C ALA B 87 -31.39 -1.79 -31.26
N THR B 88 -30.89 -3.03 -31.15
CA THR B 88 -31.20 -4.09 -32.09
C THR B 88 -31.40 -5.45 -31.42
N ASN B 89 -31.24 -5.55 -30.11
CA ASN B 89 -31.33 -6.85 -29.43
C ASN B 89 -32.76 -7.27 -29.08
N PHE B 90 -33.74 -7.03 -29.97
CA PHE B 90 -35.12 -7.44 -29.76
C PHE B 90 -35.79 -7.65 -31.12
N ALA B 91 -36.77 -8.56 -31.14
CA ALA B 91 -37.56 -8.89 -32.33
C ALA B 91 -39.04 -8.57 -32.10
N VAL B 92 -39.83 -8.63 -33.19
CA VAL B 92 -41.28 -8.55 -33.03
C VAL B 92 -41.75 -9.65 -32.08
N GLY B 93 -42.70 -9.30 -31.20
CA GLY B 93 -43.25 -10.22 -30.23
C GLY B 93 -42.64 -10.14 -28.85
N ASP B 94 -41.57 -9.36 -28.69
CA ASP B 94 -40.82 -9.27 -27.45
C ASP B 94 -41.48 -8.31 -26.45
N LEU B 95 -41.62 -8.77 -25.21
CA LEU B 95 -41.90 -7.88 -24.09
C LEU B 95 -40.72 -6.94 -23.83
N VAL B 96 -40.99 -5.64 -23.78
CA VAL B 96 -40.01 -4.65 -23.44
C VAL B 96 -40.57 -3.75 -22.34
N VAL B 97 -39.81 -2.73 -21.98
CA VAL B 97 -40.22 -1.76 -20.98
C VAL B 97 -40.17 -0.38 -21.61
N VAL B 98 -41.33 0.29 -21.66
CA VAL B 98 -41.46 1.60 -22.30
C VAL B 98 -41.68 2.67 -21.22
N ALA B 99 -41.00 3.79 -21.39
CA ALA B 99 -41.27 4.99 -20.61
C ALA B 99 -41.99 5.95 -21.55
N LEU B 100 -43.22 6.27 -21.20
CA LEU B 100 -44.14 6.98 -22.07
C LEU B 100 -44.23 8.43 -21.65
N PRO B 101 -44.71 9.30 -22.53
CA PRO B 101 -44.83 10.72 -22.20
C PRO B 101 -45.44 10.96 -20.82
N GLY B 102 -44.74 11.76 -20.01
CA GLY B 102 -45.11 12.01 -18.64
C GLY B 102 -44.33 11.21 -17.62
N ALA B 103 -43.56 10.22 -18.06
CA ALA B 103 -42.77 9.41 -17.16
C ALA B 103 -41.45 10.10 -16.82
N THR B 104 -40.91 9.74 -15.66
CA THR B 104 -39.66 10.31 -15.18
C THR B 104 -38.72 9.17 -14.81
N LEU B 105 -37.58 9.08 -15.52
CA LEU B 105 -36.60 8.03 -15.35
C LEU B 105 -35.53 8.46 -14.34
N PRO B 106 -34.88 7.50 -13.68
CA PRO B 106 -33.78 7.85 -12.75
C PRO B 106 -32.73 8.72 -13.41
N GLY B 107 -32.17 9.64 -12.62
CA GLY B 107 -31.37 10.73 -13.11
C GLY B 107 -32.16 11.99 -13.44
N GLY B 108 -33.44 12.04 -13.09
CA GLY B 108 -34.27 13.19 -13.40
C GLY B 108 -34.49 13.46 -14.87
N PHE B 109 -34.72 12.42 -15.68
CA PHE B 109 -35.11 12.60 -17.08
C PHE B 109 -36.62 12.48 -17.18
N THR B 110 -37.25 13.51 -17.76
CA THR B 110 -38.67 13.46 -18.08
C THR B 110 -38.81 13.06 -19.54
N ILE B 111 -39.70 12.12 -19.81
CA ILE B 111 -39.95 11.63 -21.16
C ILE B 111 -41.04 12.49 -21.78
N SER B 112 -40.82 12.87 -23.04
CA SER B 112 -41.76 13.73 -23.74
C SER B 112 -41.93 13.26 -25.18
N ALA B 113 -43.16 13.35 -25.68
CA ALA B 113 -43.39 12.99 -27.08
C ALA B 113 -42.59 13.90 -28.00
N ARG B 114 -41.41 13.47 -28.40
CA ARG B 114 -40.58 14.21 -29.34
C ARG B 114 -40.82 13.74 -30.77
N LYS B 115 -40.26 14.49 -31.73
CA LYS B 115 -40.09 14.05 -33.09
C LYS B 115 -38.61 13.76 -33.31
N ALA B 116 -38.30 12.59 -33.84
CA ALA B 116 -36.91 12.17 -34.06
C ALA B 116 -36.86 11.31 -35.32
N TYR B 117 -35.84 11.53 -36.13
CA TYR B 117 -35.56 10.70 -37.31
C TYR B 117 -36.71 10.69 -38.33
N GLY B 118 -37.60 11.68 -38.26
CA GLY B 118 -38.67 11.83 -39.23
C GLY B 118 -40.02 11.31 -38.81
N ARG B 119 -40.12 10.70 -37.63
CA ARG B 119 -41.36 10.15 -37.13
C ARG B 119 -41.63 10.70 -35.74
N ASN B 120 -42.87 10.51 -35.28
CA ASN B 120 -43.24 10.84 -33.91
C ASN B 120 -42.88 9.67 -33.00
N SER B 121 -42.22 9.96 -31.88
CA SER B 121 -41.83 8.96 -30.89
C SER B 121 -42.54 9.27 -29.57
N ASP B 122 -43.53 8.46 -29.20
CA ASP B 122 -44.25 8.63 -27.95
C ASP B 122 -43.51 7.90 -26.83
N GLY B 123 -42.30 8.36 -26.57
CA GLY B 123 -41.50 7.78 -25.53
C GLY B 123 -40.35 6.97 -26.09
N MET B 124 -39.89 6.03 -25.26
CA MET B 124 -38.68 5.28 -25.57
C MET B 124 -38.81 3.89 -24.97
N ILE B 125 -38.02 2.96 -25.53
CA ILE B 125 -37.84 1.62 -24.98
C ILE B 125 -36.57 1.61 -24.13
N CYS B 126 -36.68 1.09 -22.92
CA CYS B 126 -35.67 1.30 -21.89
C CYS B 126 -34.59 0.23 -21.86
N SER B 127 -33.39 0.63 -21.44
CA SER B 127 -32.33 -0.29 -21.07
C SER B 127 -32.36 -0.52 -19.56
N ALA B 128 -31.74 -1.62 -19.12
CA ALA B 128 -31.66 -1.90 -17.70
C ALA B 128 -30.92 -0.80 -16.95
N ALA B 129 -29.99 -0.13 -17.63
CA ALA B 129 -29.26 0.98 -17.03
C ALA B 129 -30.16 2.21 -16.91
N GLU B 130 -30.85 2.56 -17.98
CA GLU B 130 -31.71 3.75 -17.97
C GLU B 130 -32.79 3.65 -16.91
N LEU B 131 -33.13 2.45 -16.47
CA LEU B 131 -34.08 2.27 -15.38
C LEU B 131 -33.39 2.08 -14.03
N ASN B 132 -32.05 2.18 -13.99
CA ASN B 132 -31.25 1.87 -12.81
C ASN B 132 -31.70 0.52 -12.23
N LEU B 133 -31.78 -0.46 -13.12
CA LEU B 133 -32.08 -1.84 -12.77
C LEU B 133 -30.83 -2.71 -12.72
N GLY B 134 -29.91 -2.53 -13.65
CA GLY B 134 -28.66 -3.25 -13.65
C GLY B 134 -27.64 -2.61 -14.58
N ALA B 135 -26.52 -3.30 -14.73
CA ALA B 135 -25.37 -2.77 -15.44
C ALA B 135 -25.74 -2.34 -16.86
N ASP B 136 -25.12 -1.26 -17.32
CA ASP B 136 -25.36 -0.81 -18.69
C ASP B 136 -24.68 -1.77 -19.67
N HIS B 137 -25.48 -2.34 -20.57
CA HIS B 137 -24.92 -3.07 -21.69
C HIS B 137 -25.58 -2.61 -22.98
N SER B 138 -25.06 -3.14 -24.08
CA SER B 138 -25.60 -2.79 -25.37
C SER B 138 -27.02 -3.30 -25.47
N GLY B 139 -27.93 -2.44 -25.91
CA GLY B 139 -29.29 -2.86 -26.14
C GLY B 139 -30.21 -2.65 -24.95
N ILE B 140 -31.51 -2.79 -25.24
CA ILE B 140 -32.55 -2.51 -24.28
C ILE B 140 -32.87 -3.78 -23.51
N LEU B 141 -33.70 -3.67 -22.50
CA LEU B 141 -34.11 -4.83 -21.73
C LEU B 141 -35.23 -5.58 -22.46
N VAL B 142 -35.18 -6.91 -22.41
CA VAL B 142 -36.22 -7.77 -22.97
C VAL B 142 -36.69 -8.72 -21.89
N LEU B 143 -37.91 -8.70 -21.60
CA LEU B 143 -38.35 -9.62 -20.57
C LEU B 143 -38.67 -10.98 -21.18
N PRO B 144 -38.49 -12.08 -20.44
CA PRO B 144 -38.82 -13.38 -20.99
C PRO B 144 -40.31 -13.49 -21.24
N PRO B 145 -40.73 -14.24 -22.26
CA PRO B 145 -42.17 -14.34 -22.56
C PRO B 145 -42.93 -14.81 -21.32
N GLY B 146 -44.12 -14.24 -21.12
CA GLY B 146 -44.94 -14.58 -19.98
C GLY B 146 -44.50 -14.00 -18.65
N ALA B 147 -43.63 -12.98 -18.64
CA ALA B 147 -43.27 -12.32 -17.38
C ALA B 147 -44.36 -11.34 -16.95
N ALA B 148 -45.06 -10.73 -17.90
CA ALA B 148 -46.08 -9.76 -17.57
C ALA B 148 -46.85 -9.42 -18.83
N GLU B 149 -48.12 -8.94 -18.63
CA GLU B 149 -48.85 -8.60 -19.85
C GLU B 149 -48.55 -7.17 -20.26
N PRO B 150 -48.59 -6.84 -21.56
CA PRO B 150 -48.42 -5.44 -21.97
C PRO B 150 -49.37 -4.52 -21.21
N GLY B 151 -48.82 -3.45 -20.64
CA GLY B 151 -49.54 -2.53 -19.80
C GLY B 151 -49.30 -2.72 -18.32
N ALA B 152 -48.66 -3.81 -17.91
CA ALA B 152 -48.34 -4.01 -16.50
C ALA B 152 -47.41 -2.90 -16.02
N ASP B 153 -47.49 -2.62 -14.72
CA ASP B 153 -46.71 -1.55 -14.12
C ASP B 153 -45.22 -1.94 -14.09
N GLY B 154 -44.39 -1.14 -14.79
CA GLY B 154 -42.96 -1.43 -14.83
C GLY B 154 -42.32 -1.58 -13.46
N ALA B 155 -42.62 -0.66 -12.55
CA ALA B 155 -41.92 -0.67 -11.26
C ALA B 155 -42.16 -1.96 -10.49
N GLY B 156 -43.34 -2.57 -10.65
CA GLY B 156 -43.68 -3.76 -9.88
C GLY B 156 -43.17 -5.03 -10.52
N VAL B 157 -43.25 -5.09 -11.86
CA VAL B 157 -42.69 -6.20 -12.63
C VAL B 157 -41.20 -6.30 -12.40
N LEU B 158 -40.49 -5.18 -12.61
CA LEU B 158 -39.04 -5.10 -12.43
C LEU B 158 -38.61 -5.15 -10.97
N GLY B 159 -39.52 -5.01 -10.02
CA GLY B 159 -39.15 -5.06 -8.61
C GLY B 159 -38.25 -3.92 -8.16
N LEU B 160 -38.53 -2.69 -8.58
CA LEU B 160 -37.68 -1.54 -8.33
C LEU B 160 -37.71 -1.03 -6.89
N ASP B 161 -38.53 -1.62 -6.01
CA ASP B 161 -38.42 -1.24 -4.60
C ASP B 161 -37.30 -1.98 -3.87
N ASP B 162 -36.52 -2.78 -4.61
CA ASP B 162 -35.41 -3.55 -4.08
C ASP B 162 -34.15 -2.69 -3.97
N VAL B 163 -33.22 -3.14 -3.13
CA VAL B 163 -31.92 -2.49 -2.94
C VAL B 163 -30.82 -3.54 -3.12
N VAL B 164 -29.78 -3.19 -3.87
CA VAL B 164 -28.62 -4.07 -4.08
C VAL B 164 -27.50 -3.63 -3.14
N PHE B 165 -26.93 -4.57 -2.40
CA PHE B 165 -25.76 -4.32 -1.56
C PHE B 165 -24.50 -4.80 -2.27
N HIS B 166 -23.55 -3.90 -2.47
CA HIS B 166 -22.25 -4.23 -3.06
C HIS B 166 -21.22 -4.39 -1.94
N LEU B 167 -20.70 -5.60 -1.76
CA LEU B 167 -19.81 -5.88 -0.64
C LEU B 167 -18.42 -6.21 -1.14
N ALA B 168 -17.44 -6.02 -0.26
CA ALA B 168 -16.07 -6.46 -0.52
C ALA B 168 -15.75 -7.49 0.56
N ILE B 169 -15.91 -8.76 0.21
CA ILE B 169 -15.74 -9.83 1.18
C ILE B 169 -14.26 -10.10 1.39
N THR B 170 -13.87 -10.35 2.65
CA THR B 170 -12.45 -10.57 2.92
C THR B 170 -12.07 -12.03 2.64
N PRO B 171 -10.84 -12.29 2.17
CA PRO B 171 -10.50 -13.64 1.71
C PRO B 171 -10.64 -14.73 2.76
N ASP B 172 -10.82 -14.38 4.02
CA ASP B 172 -10.99 -15.39 5.06
C ASP B 172 -12.45 -15.83 5.19
N ARG B 173 -13.37 -15.17 4.49
CA ARG B 173 -14.80 -15.44 4.61
C ARG B 173 -15.39 -15.85 3.26
N GLY B 174 -14.79 -16.83 2.58
CA GLY B 174 -15.36 -17.29 1.32
C GLY B 174 -16.81 -17.71 1.46
N TYR B 175 -17.14 -18.33 2.61
CA TYR B 175 -18.50 -18.79 2.86
C TYR B 175 -19.52 -17.67 2.76
N CYS B 176 -19.07 -16.41 2.82
CA CYS B 176 -19.91 -15.24 2.74
C CYS B 176 -20.15 -14.77 1.31
N MET B 177 -19.57 -15.43 0.30
CA MET B 177 -19.84 -14.97 -1.07
C MET B 177 -20.99 -15.74 -1.71
N SER B 178 -22.13 -15.62 -1.01
CA SER B 178 -23.38 -16.26 -1.41
C SER B 178 -24.51 -15.81 -0.49
N VAL B 179 -25.75 -15.84 -1.00
CA VAL B 179 -26.90 -15.60 -0.14
C VAL B 179 -26.87 -16.51 1.08
N ARG B 180 -26.50 -17.77 0.90
CA ARG B 180 -26.39 -18.67 2.05
C ARG B 180 -25.57 -18.03 3.17
N GLY B 181 -24.33 -17.63 2.86
CA GLY B 181 -23.40 -17.23 3.92
C GLY B 181 -23.79 -15.91 4.57
N LEU B 182 -24.10 -14.90 3.74
CA LEU B 182 -24.52 -13.61 4.28
C LEU B 182 -25.81 -13.74 5.07
N ALA B 183 -26.75 -14.56 4.61
CA ALA B 183 -27.98 -14.77 5.38
C ALA B 183 -27.68 -15.38 6.74
N ARG B 184 -26.75 -16.34 6.80
CA ARG B 184 -26.36 -16.90 8.08
C ARG B 184 -25.74 -15.83 8.98
N GLU B 185 -24.88 -14.98 8.42
CA GLU B 185 -24.26 -13.92 9.21
C GLU B 185 -25.31 -12.99 9.82
N LEU B 186 -26.37 -12.66 9.06
CA LEU B 186 -27.42 -11.80 9.58
C LEU B 186 -28.23 -12.51 10.66
N ALA B 187 -28.53 -13.80 10.48
CA ALA B 187 -29.18 -14.53 11.56
C ALA B 187 -28.32 -14.53 12.84
N CYS B 188 -26.99 -14.59 12.70
CA CYS B 188 -26.13 -14.50 13.89
C CYS B 188 -26.20 -13.12 14.51
N ALA B 189 -26.08 -12.07 13.69
CA ALA B 189 -26.09 -10.71 14.20
C ALA B 189 -27.40 -10.41 14.92
N TYR B 190 -28.52 -10.76 14.30
CA TYR B 190 -29.86 -10.41 14.78
C TYR B 190 -30.47 -11.44 15.73
N ASP B 191 -29.74 -12.50 16.08
CA ASP B 191 -30.19 -13.47 17.07
C ASP B 191 -31.48 -14.16 16.63
N LEU B 192 -31.45 -14.71 15.41
CA LEU B 192 -32.58 -15.33 14.74
C LEU B 192 -32.30 -16.81 14.53
N ASP B 193 -33.39 -17.58 14.42
CA ASP B 193 -33.26 -18.96 13.97
C ASP B 193 -32.87 -18.95 12.51
N PHE B 194 -32.07 -19.92 12.11
CA PHE B 194 -31.61 -19.94 10.74
C PHE B 194 -31.92 -21.28 10.10
N VAL B 195 -32.62 -21.24 8.96
CA VAL B 195 -32.88 -22.44 8.17
C VAL B 195 -31.92 -22.40 6.98
N ASP B 196 -30.99 -23.36 6.96
CA ASP B 196 -29.93 -23.41 5.97
C ASP B 196 -30.48 -23.79 4.60
N PRO B 197 -30.37 -22.93 3.59
CA PRO B 197 -30.94 -23.27 2.27
C PRO B 197 -30.19 -24.38 1.54
N ALA B 198 -29.12 -24.93 2.08
CA ALA B 198 -28.45 -26.07 1.47
C ALA B 198 -28.78 -27.37 2.18
N SER B 199 -29.60 -27.32 3.23
CA SER B 199 -29.93 -28.49 4.01
C SER B 199 -31.01 -29.31 3.31
N ASN B 200 -31.26 -30.51 3.87
CA ASN B 200 -32.08 -31.51 3.21
C ASN B 200 -33.56 -31.17 3.25
N SER B 201 -34.05 -30.52 4.32
CA SER B 201 -35.44 -30.09 4.33
C SER B 201 -35.74 -29.12 3.18
N ARG B 202 -34.72 -28.38 2.74
CA ARG B 202 -34.88 -27.35 1.71
C ARG B 202 -34.38 -27.80 0.34
N VAL B 203 -33.54 -28.83 0.29
CA VAL B 203 -33.15 -29.50 -0.95
C VAL B 203 -33.29 -31.00 -0.69
N PRO B 204 -34.47 -31.59 -0.92
CA PRO B 204 -34.61 -33.05 -0.77
C PRO B 204 -33.69 -33.77 -1.74
N PRO B 205 -32.98 -34.80 -1.30
CA PRO B 205 -32.01 -35.44 -2.19
C PRO B 205 -32.75 -36.20 -3.28
N LEU B 206 -32.22 -36.09 -4.50
CA LEU B 206 -32.65 -36.88 -5.63
C LEU B 206 -32.14 -38.31 -5.48
N PRO B 207 -32.67 -39.25 -6.27
CA PRO B 207 -32.21 -40.65 -6.16
C PRO B 207 -30.77 -40.84 -6.61
N ILE B 208 -30.17 -41.94 -6.13
CA ILE B 208 -28.80 -42.30 -6.46
C ILE B 208 -28.84 -43.75 -6.92
N GLU B 209 -28.77 -43.98 -8.24
CA GLU B 209 -28.97 -45.32 -8.80
C GLU B 209 -27.93 -45.53 -9.91
N GLY B 210 -26.66 -45.63 -9.52
CA GLY B 210 -25.59 -45.93 -10.43
C GLY B 210 -24.82 -44.71 -10.91
N PRO B 211 -23.62 -44.92 -11.42
CA PRO B 211 -22.78 -43.79 -11.83
C PRO B 211 -23.36 -43.01 -13.00
N ALA B 212 -23.10 -41.70 -13.00
CA ALA B 212 -23.58 -40.81 -14.04
C ALA B 212 -22.58 -40.58 -15.16
N TRP B 213 -21.30 -40.85 -14.94
CA TRP B 213 -20.31 -40.83 -16.03
C TRP B 213 -19.01 -41.46 -15.56
N PRO B 214 -18.24 -42.08 -16.46
CA PRO B 214 -16.93 -42.63 -16.05
C PRO B 214 -15.96 -41.50 -15.72
N LEU B 215 -15.28 -41.64 -14.58
CA LEU B 215 -14.44 -40.57 -14.04
C LEU B 215 -13.19 -41.14 -13.39
N THR B 216 -12.02 -40.70 -13.83
CA THR B 216 -10.77 -40.99 -13.15
C THR B 216 -10.17 -39.70 -12.57
N VAL B 217 -9.69 -39.79 -11.33
CA VAL B 217 -9.20 -38.64 -10.58
C VAL B 217 -7.78 -38.93 -10.11
N GLN B 218 -6.79 -38.23 -10.67
CA GLN B 218 -5.45 -38.23 -10.07
C GLN B 218 -5.48 -37.46 -8.75
N PRO B 219 -5.50 -38.12 -7.60
CA PRO B 219 -5.81 -37.40 -6.33
C PRO B 219 -4.78 -36.35 -5.90
N GLU B 220 -3.51 -36.44 -6.35
CA GLU B 220 -2.49 -35.42 -6.11
C GLU B 220 -2.80 -34.07 -6.86
N THR B 221 -3.99 -33.90 -7.42
CA THR B 221 -4.42 -32.62 -7.94
C THR B 221 -5.11 -31.78 -6.89
N GLY B 222 -5.43 -32.36 -5.75
CA GLY B 222 -6.05 -31.63 -4.67
C GLY B 222 -7.56 -31.56 -4.73
N VAL B 223 -8.19 -32.13 -5.77
CA VAL B 223 -9.63 -32.26 -5.81
C VAL B 223 -10.12 -32.93 -4.53
N ARG B 224 -11.13 -32.36 -3.89
CA ARG B 224 -11.61 -32.94 -2.64
C ARG B 224 -12.94 -33.67 -2.80
N ARG B 225 -13.71 -33.33 -3.83
CA ARG B 225 -15.03 -33.89 -4.11
C ARG B 225 -15.32 -33.58 -5.56
N PHE B 226 -15.96 -34.51 -6.25
CA PHE B 226 -16.26 -34.32 -7.67
C PHE B 226 -17.53 -35.10 -7.99
N ALA B 227 -18.61 -34.39 -8.31
CA ALA B 227 -19.94 -34.96 -8.47
C ALA B 227 -20.53 -34.57 -9.80
N LEU B 228 -21.20 -35.51 -10.46
CA LEU B 228 -21.88 -35.27 -11.72
C LEU B 228 -23.28 -35.84 -11.63
N ARG B 229 -24.23 -35.15 -12.29
CA ARG B 229 -25.60 -35.65 -12.46
C ARG B 229 -26.10 -35.12 -13.79
N PRO B 230 -26.89 -35.91 -14.52
CA PRO B 230 -27.37 -35.44 -15.83
C PRO B 230 -28.83 -34.99 -15.82
N VAL B 231 -29.16 -34.08 -16.74
CA VAL B 231 -30.53 -33.68 -17.04
C VAL B 231 -30.70 -33.81 -18.54
N ILE B 232 -31.65 -34.66 -18.97
CA ILE B 232 -31.77 -35.04 -20.38
C ILE B 232 -33.02 -34.43 -20.98
N GLY B 233 -32.94 -34.13 -22.27
CA GLY B 233 -34.09 -33.72 -23.05
C GLY B 233 -34.67 -32.38 -22.65
N ILE B 234 -33.81 -31.43 -22.44
CA ILE B 234 -34.24 -30.09 -22.10
C ILE B 234 -34.49 -29.33 -23.40
N ASP B 235 -35.47 -28.44 -23.36
CA ASP B 235 -35.79 -27.57 -24.47
C ASP B 235 -34.64 -26.61 -24.72
N PRO B 236 -33.92 -26.71 -25.83
CA PRO B 236 -32.84 -25.75 -26.08
C PRO B 236 -33.30 -24.34 -26.32
N ALA B 237 -34.61 -24.11 -26.45
CA ALA B 237 -35.13 -22.78 -26.75
C ALA B 237 -35.82 -22.13 -25.56
N ALA B 238 -36.00 -22.85 -24.46
CA ALA B 238 -36.57 -22.25 -23.27
C ALA B 238 -35.67 -21.13 -22.74
N VAL B 239 -36.29 -20.17 -22.07
CA VAL B 239 -35.52 -19.12 -21.40
C VAL B 239 -35.86 -19.15 -19.92
N SER B 240 -34.97 -18.56 -19.13
CA SER B 240 -35.15 -18.54 -17.69
C SER B 240 -36.28 -17.59 -17.32
N PRO B 241 -37.08 -17.93 -16.31
CA PRO B 241 -38.17 -17.04 -15.88
C PRO B 241 -37.64 -15.68 -15.46
N TRP B 242 -38.53 -14.70 -15.43
CA TRP B 242 -38.08 -13.35 -15.12
C TRP B 242 -37.47 -13.26 -13.72
N TRP B 243 -38.03 -13.97 -12.74
CA TRP B 243 -37.51 -13.82 -11.39
C TRP B 243 -36.05 -14.25 -11.31
N LEU B 244 -35.69 -15.28 -12.08
CA LEU B 244 -34.32 -15.78 -12.06
C LEU B 244 -33.39 -14.91 -12.88
N GLN B 245 -33.79 -14.49 -14.09
CA GLN B 245 -32.96 -13.55 -14.84
C GLN B 245 -32.75 -12.27 -14.06
N ARG B 246 -33.75 -11.86 -13.27
CA ARG B 246 -33.63 -10.61 -12.51
C ARG B 246 -32.58 -10.76 -11.43
N ARG B 247 -32.75 -11.76 -10.57
CA ARG B 247 -31.79 -11.99 -9.51
C ARG B 247 -30.35 -12.08 -10.03
N LEU B 248 -30.15 -12.68 -11.21
CA LEU B 248 -28.80 -12.72 -11.77
C LEU B 248 -28.35 -11.32 -12.15
N LEU B 249 -29.24 -10.52 -12.71
CA LEU B 249 -28.85 -9.19 -13.17
C LEU B 249 -28.50 -8.29 -11.98
N LEU B 250 -29.30 -8.35 -10.91
CA LEU B 250 -28.95 -7.63 -9.69
C LEU B 250 -27.66 -8.15 -9.06
N CYS B 251 -27.23 -9.36 -9.39
CA CYS B 251 -26.00 -9.89 -8.84
C CYS B 251 -24.82 -9.71 -9.79
N GLY B 252 -25.02 -9.05 -10.92
CA GLY B 252 -23.94 -8.79 -11.84
C GLY B 252 -23.73 -9.81 -12.95
N ILE B 253 -24.67 -10.74 -13.18
CA ILE B 253 -24.56 -11.80 -14.18
C ILE B 253 -25.60 -11.56 -15.27
N ARG B 254 -25.18 -11.65 -16.51
CA ARG B 254 -26.10 -11.61 -17.62
C ARG B 254 -26.56 -13.04 -17.88
N ALA B 255 -27.85 -13.24 -17.87
CA ALA B 255 -28.44 -14.53 -18.16
C ALA B 255 -28.25 -14.87 -19.64
N THR B 256 -28.08 -16.17 -19.94
CA THR B 256 -27.92 -16.59 -21.34
C THR B 256 -28.85 -17.75 -21.75
N CYS B 257 -28.85 -18.83 -20.99
CA CYS B 257 -29.75 -19.95 -21.25
C CYS B 257 -29.93 -20.70 -19.95
N PRO B 258 -31.03 -21.43 -19.78
CA PRO B 258 -31.24 -22.10 -18.49
C PRO B 258 -30.07 -22.96 -18.04
N ALA B 259 -29.38 -23.68 -18.94
CA ALA B 259 -28.25 -24.51 -18.51
C ALA B 259 -27.20 -23.67 -17.77
N VAL B 260 -26.79 -22.53 -18.36
CA VAL B 260 -25.85 -21.65 -17.68
C VAL B 260 -26.49 -20.94 -16.49
N ASP B 261 -27.62 -20.27 -16.73
CA ASP B 261 -28.27 -19.46 -15.68
C ASP B 261 -28.50 -20.23 -14.39
N VAL B 262 -28.85 -21.50 -14.49
CA VAL B 262 -29.16 -22.21 -13.25
C VAL B 262 -27.90 -22.49 -12.42
N THR B 263 -26.74 -22.64 -13.09
CA THR B 263 -25.52 -22.85 -12.32
C THR B 263 -25.01 -21.54 -11.72
N ASN B 264 -25.15 -20.43 -12.43
CA ASN B 264 -24.84 -19.15 -11.81
C ASN B 264 -25.80 -18.85 -10.66
N TYR B 265 -27.09 -19.14 -10.83
CA TYR B 265 -28.03 -18.89 -9.74
C TYR B 265 -27.67 -19.71 -8.51
N VAL B 266 -27.42 -21.02 -8.67
CA VAL B 266 -27.12 -21.80 -7.46
C VAL B 266 -25.76 -21.40 -6.89
N MET B 267 -24.84 -20.94 -7.73
CA MET B 267 -23.58 -20.42 -7.21
C MET B 267 -23.83 -19.25 -6.28
N LEU B 268 -24.59 -18.25 -6.76
CA LEU B 268 -24.92 -17.12 -5.91
C LEU B 268 -25.72 -17.56 -4.69
N GLU B 269 -26.58 -18.57 -4.83
CA GLU B 269 -27.45 -18.91 -3.71
C GLU B 269 -26.71 -19.67 -2.61
N LEU B 270 -25.86 -20.64 -2.97
CA LEU B 270 -25.27 -21.53 -1.98
C LEU B 270 -23.75 -21.42 -1.87
N GLY B 271 -23.08 -20.73 -2.81
CA GLY B 271 -21.66 -20.51 -2.74
C GLY B 271 -20.81 -21.59 -3.34
N HIS B 272 -21.44 -22.65 -3.86
CA HIS B 272 -20.75 -23.74 -4.53
C HIS B 272 -20.86 -23.50 -6.02
N PRO B 273 -19.78 -23.11 -6.71
CA PRO B 273 -19.88 -22.90 -8.16
C PRO B 273 -20.31 -24.18 -8.85
N MET B 274 -20.91 -24.04 -10.02
CA MET B 274 -21.39 -25.16 -10.81
C MET B 274 -21.06 -24.93 -12.27
N HIS B 275 -21.06 -26.03 -13.03
CA HIS B 275 -20.88 -25.90 -14.46
C HIS B 275 -21.71 -26.94 -15.21
N ALA B 276 -22.19 -26.55 -16.38
CA ALA B 276 -23.03 -27.39 -17.23
C ALA B 276 -22.27 -27.76 -18.51
N HIS B 277 -22.06 -29.05 -18.71
CA HIS B 277 -21.49 -29.61 -19.94
C HIS B 277 -22.60 -30.12 -20.86
N ASP B 278 -22.43 -29.89 -22.17
CA ASP B 278 -23.22 -30.60 -23.18
C ASP B 278 -22.74 -32.05 -23.19
N ARG B 279 -23.54 -32.94 -22.58
CA ARG B 279 -23.09 -34.32 -22.40
C ARG B 279 -22.80 -34.97 -23.74
N ASN B 280 -23.64 -34.74 -24.75
CA ASN B 280 -23.40 -35.33 -26.06
C ASN B 280 -22.11 -34.85 -26.71
N ARG B 281 -21.42 -33.86 -26.14
CA ARG B 281 -20.17 -33.43 -26.72
C ARG B 281 -18.94 -33.94 -25.98
N ILE B 282 -19.14 -34.62 -24.85
CA ILE B 282 -18.08 -35.35 -24.17
C ILE B 282 -17.79 -36.65 -24.93
N SER B 283 -16.51 -37.01 -25.05
CA SER B 283 -16.09 -38.25 -25.72
C SER B 283 -15.37 -39.15 -24.71
N GLY B 284 -16.10 -40.08 -24.11
CA GLY B 284 -15.41 -41.06 -23.30
C GLY B 284 -15.24 -40.65 -21.85
N THR B 285 -14.23 -41.21 -21.16
CA THR B 285 -14.10 -41.00 -19.73
C THR B 285 -13.64 -39.58 -19.41
N LEU B 286 -14.20 -39.01 -18.34
CA LEU B 286 -13.77 -37.71 -17.82
C LEU B 286 -12.54 -37.90 -16.95
N GLY B 287 -11.46 -37.22 -17.29
CA GLY B 287 -10.27 -37.31 -16.47
C GLY B 287 -9.87 -35.98 -15.85
N VAL B 288 -9.60 -35.99 -14.55
CA VAL B 288 -9.00 -34.86 -13.84
C VAL B 288 -7.50 -35.11 -13.71
N ARG B 289 -6.70 -34.29 -14.37
CA ARG B 289 -5.26 -34.50 -14.36
C ARG B 289 -4.52 -33.17 -14.49
N PHE B 290 -3.25 -33.15 -14.07
CA PHE B 290 -2.40 -31.99 -14.30
C PHE B 290 -2.20 -31.79 -15.80
N ALA B 291 -1.90 -30.55 -16.17
CA ALA B 291 -1.55 -30.30 -17.55
C ALA B 291 -0.07 -30.63 -17.79
N ARG B 292 0.27 -30.85 -19.05
CA ARG B 292 1.64 -31.11 -19.48
C ARG B 292 2.26 -29.80 -19.95
N SER B 293 3.58 -29.72 -19.85
CA SER B 293 4.33 -28.62 -20.44
C SER B 293 3.88 -28.37 -21.87
N GLY B 294 3.62 -27.11 -22.18
CA GLY B 294 3.27 -26.70 -23.52
C GLY B 294 1.82 -26.94 -23.90
N GLU B 295 1.03 -27.54 -23.02
CA GLU B 295 -0.34 -27.89 -23.39
C GLU B 295 -1.22 -26.64 -23.54
N THR B 296 -2.26 -26.79 -24.31
CA THR B 296 -3.23 -25.74 -24.62
C THR B 296 -4.64 -26.20 -24.30
N ALA B 297 -5.46 -25.24 -23.85
CA ALA B 297 -6.89 -25.43 -23.78
C ALA B 297 -7.56 -24.17 -24.31
N VAL B 298 -8.71 -24.34 -24.98
CA VAL B 298 -9.55 -23.23 -25.40
C VAL B 298 -10.79 -23.21 -24.52
N THR B 299 -10.94 -22.13 -23.76
CA THR B 299 -12.03 -21.94 -22.81
C THR B 299 -13.30 -21.40 -23.49
N LEU B 300 -14.43 -21.41 -22.75
CA LEU B 300 -15.76 -21.00 -23.22
C LEU B 300 -15.73 -19.78 -24.13
N ASP B 301 -14.91 -18.79 -23.77
CA ASP B 301 -14.80 -17.55 -24.52
C ASP B 301 -14.00 -17.68 -25.81
N GLY B 302 -13.60 -18.89 -26.18
CA GLY B 302 -12.86 -19.11 -27.42
C GLY B 302 -11.45 -18.56 -27.47
N ILE B 303 -10.81 -18.39 -26.32
CA ILE B 303 -9.44 -17.87 -26.23
C ILE B 303 -8.52 -19.00 -25.80
N GLU B 304 -7.40 -19.15 -26.51
CA GLU B 304 -6.42 -20.21 -26.27
C GLU B 304 -5.57 -19.85 -25.06
N ARG B 305 -5.60 -20.68 -24.03
CA ARG B 305 -4.80 -20.48 -22.83
C ARG B 305 -3.55 -21.34 -22.91
N LYS B 306 -2.38 -20.71 -22.66
CA LYS B 306 -1.15 -21.49 -22.50
C LYS B 306 -1.13 -22.05 -21.10
N LEU B 307 -1.03 -23.37 -20.99
CA LEU B 307 -1.15 -24.00 -19.69
C LEU B 307 0.21 -24.21 -19.03
N ASP B 308 0.13 -24.70 -17.80
CA ASP B 308 1.24 -24.78 -16.86
C ASP B 308 1.07 -26.08 -16.09
N THR B 309 2.18 -26.80 -15.86
CA THR B 309 2.06 -28.14 -15.29
C THR B 309 1.51 -28.16 -13.86
N ALA B 310 1.15 -27.03 -13.29
CA ALA B 310 0.49 -26.99 -11.99
C ALA B 310 -1.00 -26.74 -12.11
N ASP B 311 -1.50 -26.51 -13.33
CA ASP B 311 -2.91 -26.33 -13.61
C ASP B 311 -3.62 -27.69 -13.66
N VAL B 312 -4.73 -27.79 -12.95
CA VAL B 312 -5.56 -29.00 -12.98
C VAL B 312 -6.60 -28.84 -14.08
N LEU B 313 -6.68 -29.82 -14.99
CA LEU B 313 -7.68 -29.84 -16.05
C LEU B 313 -8.73 -30.92 -15.81
N ILE B 314 -9.86 -30.76 -16.50
CA ILE B 314 -10.77 -31.86 -16.81
C ILE B 314 -10.64 -32.11 -18.30
N VAL B 315 -10.28 -33.34 -18.66
CA VAL B 315 -10.17 -33.71 -20.06
C VAL B 315 -11.05 -34.92 -20.29
N ASP B 316 -11.34 -35.17 -21.57
CA ASP B 316 -11.90 -36.44 -22.02
C ASP B 316 -10.95 -37.04 -23.06
N ASP B 317 -11.39 -38.11 -23.74
CA ASP B 317 -10.57 -38.76 -24.76
C ASP B 317 -10.19 -37.81 -25.89
N ALA B 318 -11.03 -36.82 -26.17
CA ALA B 318 -10.86 -35.96 -27.34
C ALA B 318 -10.11 -34.67 -27.04
N ALA B 319 -10.52 -33.96 -25.98
CA ALA B 319 -9.97 -32.63 -25.78
C ALA B 319 -10.17 -32.25 -24.30
N THR B 320 -10.00 -30.97 -24.00
CA THR B 320 -10.10 -30.47 -22.64
C THR B 320 -11.52 -29.99 -22.37
N ALA B 321 -12.07 -30.40 -21.23
CA ALA B 321 -13.41 -29.97 -20.84
C ALA B 321 -13.38 -28.72 -19.97
N ALA B 322 -12.32 -28.50 -19.20
CA ALA B 322 -12.31 -27.47 -18.17
C ALA B 322 -10.90 -27.20 -17.70
N ILE B 323 -10.61 -25.94 -17.39
CA ILE B 323 -9.52 -25.61 -16.49
C ILE B 323 -10.14 -25.63 -15.10
N GLY B 324 -10.07 -26.78 -14.46
CA GLY B 324 -10.75 -27.06 -13.21
C GLY B 324 -10.70 -25.98 -12.17
N GLY B 325 -11.89 -25.51 -11.76
CA GLY B 325 -12.01 -24.46 -10.77
C GLY B 325 -11.92 -23.05 -11.32
N VAL B 326 -11.62 -22.88 -12.61
CA VAL B 326 -11.38 -21.57 -13.19
C VAL B 326 -12.42 -21.30 -14.28
N MET B 327 -12.44 -22.12 -15.32
CA MET B 327 -13.38 -21.87 -16.40
C MET B 327 -13.52 -23.12 -17.27
N GLY B 328 -14.76 -23.42 -17.67
CA GLY B 328 -15.01 -24.48 -18.63
C GLY B 328 -14.39 -24.19 -19.99
N ALA B 329 -14.34 -25.24 -20.81
CA ALA B 329 -13.71 -25.13 -22.12
C ALA B 329 -14.77 -25.12 -23.20
N ALA B 330 -14.37 -24.75 -24.42
CA ALA B 330 -15.32 -24.68 -25.53
C ALA B 330 -15.86 -26.05 -25.92
N SER B 331 -15.04 -27.10 -25.83
CA SER B 331 -15.40 -28.38 -26.42
C SER B 331 -16.66 -29.00 -25.78
N THR B 332 -16.85 -28.85 -24.47
CA THR B 332 -18.08 -29.36 -23.86
C THR B 332 -19.06 -28.24 -23.50
N GLU B 333 -18.91 -27.07 -24.12
CA GLU B 333 -19.72 -25.93 -23.76
C GLU B 333 -21.17 -26.17 -24.18
N VAL B 334 -22.10 -25.81 -23.30
CA VAL B 334 -23.51 -25.72 -23.70
C VAL B 334 -23.68 -24.67 -24.79
N ARG B 335 -24.46 -25.01 -25.80
CA ARG B 335 -24.63 -24.08 -26.90
C ARG B 335 -26.08 -24.19 -27.36
N ALA B 336 -26.42 -23.49 -28.44
CA ALA B 336 -27.83 -23.26 -28.75
C ALA B 336 -28.62 -24.56 -28.84
N ASP B 337 -28.03 -25.61 -29.43
CA ASP B 337 -28.74 -26.86 -29.70
C ASP B 337 -28.57 -27.94 -28.62
N SER B 338 -28.14 -27.58 -27.42
CA SER B 338 -27.78 -28.59 -26.42
C SER B 338 -29.03 -29.13 -25.71
N THR B 339 -29.20 -30.45 -25.74
CA THR B 339 -30.41 -31.06 -25.22
C THR B 339 -30.19 -31.91 -23.98
N ASP B 340 -28.96 -32.38 -23.76
CA ASP B 340 -28.67 -33.31 -22.67
C ASP B 340 -27.45 -32.79 -21.93
N VAL B 341 -27.59 -32.56 -20.64
CA VAL B 341 -26.67 -31.73 -19.88
C VAL B 341 -26.06 -32.56 -18.76
N LEU B 342 -24.74 -32.45 -18.60
CA LEU B 342 -24.03 -33.06 -17.48
C LEU B 342 -23.55 -31.96 -16.54
N LEU B 343 -23.99 -32.02 -15.28
CA LEU B 343 -23.79 -30.94 -14.31
C LEU B 343 -22.63 -31.29 -13.39
N GLU B 344 -21.67 -30.37 -13.29
CA GLU B 344 -20.41 -30.55 -12.57
C GLU B 344 -20.47 -29.80 -11.24
N ALA B 345 -20.29 -30.53 -10.15
CA ALA B 345 -20.25 -29.97 -8.79
C ALA B 345 -18.93 -30.40 -8.18
N ALA B 346 -17.88 -29.61 -8.38
CA ALA B 346 -16.54 -29.97 -7.95
C ALA B 346 -16.05 -29.06 -6.82
N ILE B 347 -15.09 -29.59 -6.05
CA ILE B 347 -14.39 -28.86 -5.00
C ILE B 347 -12.90 -28.96 -5.29
N TRP B 348 -12.31 -27.86 -5.74
CA TRP B 348 -10.92 -27.84 -6.13
C TRP B 348 -10.02 -27.36 -5.00
N ASP B 349 -8.72 -27.53 -5.20
CA ASP B 349 -7.72 -27.06 -4.26
C ASP B 349 -7.58 -25.54 -4.31
N PRO B 350 -7.75 -24.84 -3.17
CA PRO B 350 -7.71 -23.35 -3.22
C PRO B 350 -6.40 -22.78 -3.76
N ALA B 351 -5.26 -23.27 -3.26
CA ALA B 351 -3.99 -22.73 -3.73
C ALA B 351 -3.81 -23.00 -5.22
N ALA B 352 -4.30 -24.14 -5.70
CA ALA B 352 -4.17 -24.47 -7.11
C ALA B 352 -4.96 -23.50 -8.00
N VAL B 353 -6.22 -23.25 -7.63
CA VAL B 353 -7.03 -22.31 -8.39
C VAL B 353 -6.41 -20.94 -8.37
N SER B 354 -5.95 -20.50 -7.18
CA SER B 354 -5.32 -19.19 -7.03
C SER B 354 -4.17 -19.02 -8.02
N ARG B 355 -3.22 -19.96 -8.02
CA ARG B 355 -2.08 -19.85 -8.92
C ARG B 355 -2.53 -19.78 -10.37
N THR B 356 -3.44 -20.69 -10.77
CA THR B 356 -3.84 -20.78 -12.17
C THR B 356 -4.55 -19.52 -12.64
N GLN B 357 -5.48 -18.98 -11.84
CA GLN B 357 -6.26 -17.85 -12.34
C GLN B 357 -5.42 -16.57 -12.40
N ARG B 358 -4.58 -16.33 -11.39
CA ARG B 358 -3.65 -15.20 -11.45
C ARG B 358 -2.76 -15.29 -12.68
N ARG B 359 -2.27 -16.47 -12.98
CA ARG B 359 -1.42 -16.64 -14.11
C ARG B 359 -2.09 -16.41 -15.45
N LEU B 360 -3.36 -16.71 -15.55
CA LEU B 360 -4.10 -16.56 -16.80
C LEU B 360 -4.92 -15.28 -16.84
N HIS B 361 -5.03 -14.55 -15.71
CA HIS B 361 -5.88 -13.36 -15.62
C HIS B 361 -7.33 -13.74 -15.88
N LEU B 362 -7.81 -14.74 -15.16
CA LEU B 362 -9.19 -15.21 -15.21
C LEU B 362 -9.74 -15.24 -13.80
N PRO B 363 -10.02 -14.08 -13.22
CA PRO B 363 -10.66 -14.05 -11.89
C PRO B 363 -12.17 -14.21 -12.00
N SER B 364 -12.57 -15.39 -12.45
CA SER B 364 -13.97 -15.71 -12.68
C SER B 364 -14.72 -15.82 -11.37
N GLU B 365 -16.06 -15.79 -11.46
CA GLU B 365 -16.90 -15.97 -10.28
C GLU B 365 -16.61 -17.30 -9.60
N ALA B 366 -16.39 -18.34 -10.40
CA ALA B 366 -16.04 -19.62 -9.81
C ALA B 366 -14.70 -19.54 -9.10
N ALA B 367 -13.67 -19.03 -9.79
CA ALA B 367 -12.30 -19.10 -9.26
C ALA B 367 -12.21 -18.38 -7.92
N ARG B 368 -12.87 -17.22 -7.82
CA ARG B 368 -12.76 -16.42 -6.61
C ARG B 368 -13.37 -17.11 -5.41
N ARG B 369 -14.39 -17.95 -5.62
CA ARG B 369 -14.94 -18.71 -4.51
C ARG B 369 -14.06 -19.91 -4.14
N TYR B 370 -13.45 -20.55 -5.14
CA TYR B 370 -12.59 -21.70 -4.85
C TYR B 370 -11.30 -21.26 -4.15
N GLU B 371 -10.69 -20.14 -4.59
CA GLU B 371 -9.54 -19.56 -3.87
C GLU B 371 -9.76 -19.49 -2.37
N ARG B 372 -10.98 -19.18 -1.95
CA ARG B 372 -11.28 -18.96 -0.54
C ARG B 372 -11.92 -20.16 0.12
N THR B 373 -11.92 -21.31 -0.55
CA THR B 373 -12.41 -22.60 -0.04
C THR B 373 -13.94 -22.67 -0.06
N VAL B 374 -14.48 -23.57 -0.88
CA VAL B 374 -15.92 -23.83 -0.94
C VAL B 374 -16.26 -25.01 -0.04
N ASP B 375 -17.45 -24.94 0.58
CA ASP B 375 -17.94 -25.94 1.53
C ASP B 375 -18.09 -27.28 0.82
N PRO B 376 -17.22 -28.26 1.11
CA PRO B 376 -17.32 -29.55 0.40
C PRO B 376 -18.53 -30.35 0.80
N ALA B 377 -19.16 -30.03 1.92
CA ALA B 377 -20.27 -30.84 2.39
C ALA B 377 -21.51 -30.70 1.51
N ILE B 378 -21.61 -29.69 0.66
CA ILE B 378 -22.86 -29.36 -0.02
C ILE B 378 -22.77 -29.59 -1.53
N SER B 379 -21.79 -30.37 -2.01
CA SER B 379 -21.63 -30.51 -3.45
C SER B 379 -22.83 -31.19 -4.08
N VAL B 380 -23.27 -32.31 -3.51
CA VAL B 380 -24.40 -33.03 -4.08
C VAL B 380 -25.68 -32.22 -3.91
N ALA B 381 -25.87 -31.61 -2.74
CA ALA B 381 -27.04 -30.76 -2.53
C ALA B 381 -27.09 -29.62 -3.54
N ALA B 382 -25.96 -28.98 -3.81
CA ALA B 382 -25.92 -27.96 -4.86
C ALA B 382 -26.15 -28.57 -6.23
N LEU B 383 -25.67 -29.80 -6.44
CA LEU B 383 -25.92 -30.50 -7.68
C LEU B 383 -27.40 -30.81 -7.85
N ASP B 384 -28.02 -31.39 -6.81
CA ASP B 384 -29.43 -31.75 -6.90
C ASP B 384 -30.32 -30.52 -7.06
N ARG B 385 -30.09 -29.50 -6.21
CA ARG B 385 -30.81 -28.23 -6.34
C ARG B 385 -30.70 -27.69 -7.76
N CYS B 386 -29.54 -27.84 -8.36
CA CYS B 386 -29.30 -27.31 -9.68
C CYS B 386 -30.02 -28.15 -10.74
N ALA B 387 -30.05 -29.48 -10.57
CA ALA B 387 -30.69 -30.32 -11.57
C ALA B 387 -32.21 -30.15 -11.57
N ARG B 388 -32.82 -30.26 -10.39
CA ARG B 388 -34.25 -30.01 -10.27
C ARG B 388 -34.63 -28.70 -10.96
N LEU B 389 -33.92 -27.62 -10.62
CA LEU B 389 -34.27 -26.31 -11.15
C LEU B 389 -34.13 -26.28 -12.67
N LEU B 390 -33.07 -26.88 -13.21
CA LEU B 390 -32.90 -26.88 -14.67
C LEU B 390 -34.04 -27.63 -15.35
N ALA B 391 -34.39 -28.81 -14.82
CA ALA B 391 -35.50 -29.59 -15.37
C ALA B 391 -36.81 -28.83 -15.29
N ASP B 392 -37.10 -28.24 -14.13
CA ASP B 392 -38.31 -27.45 -13.95
C ASP B 392 -38.42 -26.33 -14.98
N ILE B 393 -37.33 -25.64 -15.27
CA ILE B 393 -37.40 -24.50 -16.19
C ILE B 393 -37.48 -24.96 -17.64
N ALA B 394 -36.52 -25.77 -18.09
CA ALA B 394 -36.42 -26.11 -19.51
C ALA B 394 -37.00 -27.48 -19.86
N GLY B 395 -37.60 -28.17 -18.89
CA GLY B 395 -38.37 -29.38 -19.11
C GLY B 395 -37.70 -30.61 -19.70
N GLY B 396 -36.90 -31.28 -18.88
CA GLY B 396 -36.34 -32.58 -19.18
C GLY B 396 -36.55 -33.49 -17.98
N GLU B 397 -35.85 -34.59 -17.83
CA GLU B 397 -35.87 -35.26 -16.58
C GLU B 397 -34.48 -35.09 -15.99
N VAL B 398 -34.45 -35.27 -14.69
CA VAL B 398 -33.25 -35.47 -13.93
C VAL B 398 -33.02 -36.98 -13.88
N SER B 399 -31.94 -37.47 -14.53
CA SER B 399 -31.62 -38.90 -14.44
C SER B 399 -31.19 -39.25 -13.03
N PRO B 400 -31.62 -40.40 -12.50
CA PRO B 400 -31.29 -40.79 -11.12
C PRO B 400 -29.88 -41.31 -10.94
N THR B 401 -29.04 -41.18 -11.97
CA THR B 401 -27.63 -41.52 -11.87
C THR B 401 -26.85 -40.37 -11.24
N LEU B 402 -25.77 -40.73 -10.54
CA LEU B 402 -24.99 -39.75 -9.78
C LEU B 402 -23.58 -40.29 -9.57
N THR B 403 -22.58 -39.55 -10.05
CA THR B 403 -21.21 -39.75 -9.63
C THR B 403 -20.90 -38.84 -8.45
N ASP B 404 -20.10 -39.35 -7.49
CA ASP B 404 -19.79 -38.56 -6.30
C ASP B 404 -18.45 -39.04 -5.74
N TRP B 405 -17.39 -38.68 -6.45
CA TRP B 405 -16.04 -38.98 -6.00
C TRP B 405 -15.74 -38.12 -4.77
N ARG B 406 -15.37 -38.76 -3.66
CA ARG B 406 -15.21 -38.06 -2.39
C ARG B 406 -13.85 -38.34 -1.77
N GLY B 407 -12.83 -38.50 -2.60
CA GLY B 407 -11.50 -38.83 -2.13
C GLY B 407 -11.21 -40.33 -2.14
N ASP B 408 -9.93 -40.65 -1.88
CA ASP B 408 -9.49 -42.03 -1.83
C ASP B 408 -8.55 -42.23 -0.63
N PRO B 409 -9.02 -42.88 0.47
CA PRO B 409 -10.40 -43.36 0.64
C PRO B 409 -11.46 -42.26 0.71
N PRO B 410 -12.70 -42.59 0.38
CA PRO B 410 -13.78 -41.62 0.49
C PRO B 410 -13.83 -40.96 1.86
N CYS B 411 -13.91 -39.64 1.85
CA CYS B 411 -14.12 -38.85 3.06
C CYS B 411 -15.61 -38.68 3.27
N ASP B 412 -16.12 -39.13 4.45
CA ASP B 412 -17.55 -39.05 4.75
C ASP B 412 -17.88 -37.91 5.71
N ASP B 413 -16.86 -37.29 6.31
CA ASP B 413 -17.06 -36.33 7.39
C ASP B 413 -16.11 -35.16 7.16
N TRP B 414 -16.67 -34.01 6.81
CA TRP B 414 -15.93 -32.86 6.32
C TRP B 414 -15.55 -31.86 7.41
N SER B 415 -15.74 -32.21 8.69
CA SER B 415 -15.55 -31.22 9.74
C SER B 415 -14.06 -31.04 10.04
N PRO B 416 -13.61 -29.80 10.26
CA PRO B 416 -12.21 -29.57 10.68
C PRO B 416 -11.94 -30.22 12.02
N PRO B 417 -10.68 -30.27 12.45
CA PRO B 417 -10.36 -30.76 13.79
C PRO B 417 -11.04 -29.94 14.87
N PRO B 418 -11.24 -30.51 16.06
CA PRO B 418 -11.76 -29.71 17.17
C PRO B 418 -10.69 -28.79 17.73
N ILE B 419 -11.15 -27.67 18.27
CA ILE B 419 -10.31 -26.66 18.90
C ILE B 419 -10.66 -26.61 20.37
N ARG B 420 -9.64 -26.69 21.22
CA ARG B 420 -9.79 -26.52 22.66
C ARG B 420 -9.43 -25.07 23.03
N MET B 421 -10.35 -24.39 23.73
CA MET B 421 -10.20 -22.99 24.13
C MET B 421 -10.84 -22.75 25.50
N GLY B 422 -10.15 -22.00 26.35
CA GLY B 422 -10.71 -21.62 27.64
C GLY B 422 -11.91 -20.70 27.48
N VAL B 423 -12.91 -20.88 28.36
CA VAL B 423 -14.21 -20.25 28.18
C VAL B 423 -14.14 -18.72 28.27
N ASP B 424 -13.16 -18.19 28.99
CA ASP B 424 -13.06 -16.75 29.16
C ASP B 424 -12.04 -16.12 28.22
N VAL B 425 -11.37 -16.90 27.38
CA VAL B 425 -10.33 -16.39 26.48
C VAL B 425 -10.84 -15.21 25.65
N PRO B 426 -12.06 -15.23 25.10
CA PRO B 426 -12.53 -14.02 24.40
C PRO B 426 -12.70 -12.85 25.33
N ASP B 427 -13.08 -13.09 26.59
CA ASP B 427 -13.18 -12.00 27.55
C ASP B 427 -11.81 -11.35 27.78
N ARG B 428 -10.77 -12.16 27.97
CA ARG B 428 -9.43 -11.60 28.18
C ARG B 428 -8.99 -10.74 26.99
N ILE B 429 -9.06 -11.31 25.78
CA ILE B 429 -8.57 -10.61 24.59
C ILE B 429 -9.35 -9.33 24.34
N ALA B 430 -10.63 -9.32 24.62
CA ALA B 430 -11.38 -8.10 24.40
C ALA B 430 -11.23 -7.11 25.55
N GLY B 431 -10.85 -7.56 26.74
CA GLY B 431 -10.86 -6.67 27.90
C GLY B 431 -12.26 -6.31 28.34
N VAL B 432 -13.21 -7.21 28.08
CA VAL B 432 -14.60 -7.03 28.45
C VAL B 432 -15.03 -8.30 29.19
N ALA B 433 -15.90 -8.12 30.19
CA ALA B 433 -16.52 -9.25 30.90
C ALA B 433 -17.85 -9.53 30.22
N TYR B 434 -17.83 -10.43 29.22
CA TYR B 434 -19.06 -10.76 28.51
C TYR B 434 -20.01 -11.54 29.42
N PRO B 435 -21.33 -11.33 29.26
CA PRO B 435 -22.31 -12.16 29.97
C PRO B 435 -21.99 -13.65 29.85
N GLN B 436 -22.43 -14.43 30.84
CA GLN B 436 -22.04 -15.83 30.89
C GLN B 436 -22.70 -16.61 29.78
N GLY B 437 -21.98 -17.60 29.25
CA GLY B 437 -22.45 -18.35 28.11
C GLY B 437 -22.42 -17.62 26.80
N THR B 438 -21.75 -16.46 26.74
CA THR B 438 -21.70 -15.69 25.50
C THR B 438 -20.80 -16.34 24.47
N THR B 439 -19.60 -16.80 24.88
CA THR B 439 -18.68 -17.30 23.86
C THR B 439 -19.26 -18.54 23.22
N ALA B 440 -19.92 -19.38 24.03
CA ALA B 440 -20.48 -20.64 23.54
C ALA B 440 -21.75 -20.44 22.75
N ARG B 441 -22.54 -19.43 23.08
CA ARG B 441 -23.72 -19.16 22.27
C ARG B 441 -23.33 -18.67 20.89
N ARG B 442 -22.38 -17.74 20.81
CA ARG B 442 -21.99 -17.19 19.52
C ARG B 442 -21.29 -18.23 18.65
N LEU B 443 -20.44 -19.06 19.26
CA LEU B 443 -19.84 -20.11 18.44
C LEU B 443 -20.90 -21.09 17.94
N ALA B 444 -21.96 -21.30 18.71
CA ALA B 444 -23.04 -22.16 18.24
C ALA B 444 -23.72 -21.55 17.01
N GLN B 445 -24.04 -20.25 17.06
CA GLN B 445 -24.70 -19.58 15.93
C GLN B 445 -23.92 -19.74 14.63
N ILE B 446 -22.59 -19.76 14.70
CA ILE B 446 -21.82 -19.82 13.47
C ILE B 446 -21.72 -21.29 13.04
N GLY B 447 -22.42 -22.16 13.75
CA GLY B 447 -22.56 -23.54 13.30
C GLY B 447 -21.56 -24.51 13.88
N ALA B 448 -20.84 -24.14 14.93
CA ALA B 448 -19.87 -25.06 15.50
C ALA B 448 -20.52 -25.90 16.59
N VAL B 449 -19.92 -27.06 16.84
CA VAL B 449 -20.36 -27.97 17.89
C VAL B 449 -19.52 -27.65 19.13
N VAL B 450 -20.18 -27.20 20.20
CA VAL B 450 -19.51 -26.70 21.41
C VAL B 450 -19.87 -27.60 22.60
N THR B 451 -18.85 -28.03 23.36
CA THR B 451 -19.04 -28.89 24.53
C THR B 451 -18.19 -28.38 25.70
N HIS B 452 -18.75 -28.44 26.90
CA HIS B 452 -18.14 -27.85 28.09
C HIS B 452 -17.48 -28.94 28.95
N ASP B 453 -16.24 -28.66 29.43
CA ASP B 453 -15.48 -29.54 30.34
C ASP B 453 -14.84 -28.68 31.46
N GLY B 454 -15.68 -28.16 32.34
CA GLY B 454 -15.19 -27.27 33.38
C GLY B 454 -15.00 -25.85 32.87
N ASP B 455 -13.74 -25.47 32.65
CA ASP B 455 -13.39 -24.16 32.14
C ASP B 455 -12.85 -24.22 30.71
N THR B 456 -13.00 -25.36 30.04
CA THR B 456 -12.33 -25.60 28.76
C THR B 456 -13.36 -26.12 27.76
N LEU B 457 -13.71 -25.28 26.79
CA LEU B 457 -14.62 -25.69 25.72
C LEU B 457 -13.87 -26.45 24.63
N THR B 458 -14.57 -27.41 24.02
CA THR B 458 -14.12 -28.03 22.78
C THR B 458 -15.06 -27.62 21.67
N VAL B 459 -14.50 -27.04 20.61
CA VAL B 459 -15.26 -26.37 19.55
C VAL B 459 -14.90 -27.01 18.22
N THR B 460 -15.88 -27.60 17.55
CA THR B 460 -15.67 -28.19 16.22
C THR B 460 -16.38 -27.35 15.17
N PRO B 461 -15.67 -26.56 14.38
CA PRO B 461 -16.31 -25.63 13.45
C PRO B 461 -17.00 -26.38 12.32
N PRO B 462 -17.88 -25.70 11.57
CA PRO B 462 -18.55 -26.35 10.44
C PRO B 462 -17.65 -26.43 9.21
N SER B 463 -18.12 -27.19 8.22
CA SER B 463 -17.29 -27.43 7.06
C SER B 463 -17.13 -26.16 6.21
N TRP B 464 -18.10 -25.25 6.23
CA TRP B 464 -17.96 -24.06 5.41
C TRP B 464 -17.08 -23.01 6.06
N ARG B 465 -16.46 -23.35 7.20
CA ARG B 465 -15.62 -22.43 7.97
C ARG B 465 -14.20 -22.95 8.14
N PRO B 466 -13.48 -23.21 7.04
CA PRO B 466 -12.10 -23.70 7.16
C PRO B 466 -11.16 -22.70 7.79
N ASP B 467 -11.59 -21.46 7.96
CA ASP B 467 -10.78 -20.43 8.59
C ASP B 467 -10.69 -20.58 10.11
N LEU B 468 -11.63 -21.28 10.73
CA LEU B 468 -11.71 -21.38 12.19
C LEU B 468 -10.85 -22.55 12.62
N ARG B 469 -9.65 -22.26 13.11
CA ARG B 469 -8.75 -23.38 13.29
C ARG B 469 -7.76 -23.23 14.44
N GLN B 470 -7.78 -22.12 15.18
CA GLN B 470 -7.03 -21.90 16.40
C GLN B 470 -7.93 -21.11 17.34
N PRO B 471 -7.60 -21.05 18.64
CA PRO B 471 -8.43 -20.24 19.55
C PRO B 471 -8.53 -18.77 19.15
N ALA B 472 -7.44 -18.18 18.64
CA ALA B 472 -7.55 -16.80 18.15
C ALA B 472 -8.71 -16.64 17.19
N ASP B 473 -8.85 -17.59 16.24
CA ASP B 473 -9.91 -17.51 15.25
C ASP B 473 -11.28 -17.45 15.92
N LEU B 474 -11.47 -18.24 16.99
CA LEU B 474 -12.76 -18.25 17.67
C LEU B 474 -13.01 -16.96 18.43
N VAL B 475 -11.95 -16.35 18.97
CA VAL B 475 -12.12 -15.07 19.65
C VAL B 475 -12.73 -14.03 18.70
N GLU B 476 -12.22 -13.99 17.46
CA GLU B 476 -12.71 -12.95 16.56
C GLU B 476 -14.19 -13.12 16.28
N GLU B 477 -14.69 -14.35 16.28
CA GLU B 477 -16.11 -14.59 16.05
C GLU B 477 -16.95 -14.04 17.19
N VAL B 478 -16.57 -14.35 18.44
CA VAL B 478 -17.30 -13.81 19.59
C VAL B 478 -17.27 -12.29 19.54
N LEU B 479 -16.06 -11.71 19.41
CA LEU B 479 -15.88 -10.27 19.57
C LEU B 479 -16.61 -9.48 18.48
N ARG B 480 -16.61 -9.97 17.24
CA ARG B 480 -17.28 -9.24 16.18
C ARG B 480 -18.81 -9.31 16.28
N LEU B 481 -19.35 -10.41 16.82
CA LEU B 481 -20.80 -10.52 16.92
C LEU B 481 -21.35 -9.76 18.11
N GLU B 482 -20.53 -9.61 19.17
CA GLU B 482 -20.91 -8.75 20.29
C GLU B 482 -20.71 -7.29 19.95
N GLY B 483 -19.90 -7.00 18.93
CA GLY B 483 -19.59 -5.65 18.56
C GLY B 483 -18.26 -5.25 19.13
N LEU B 484 -17.44 -4.57 18.33
CA LEU B 484 -16.15 -4.11 18.80
C LEU B 484 -16.25 -2.81 19.56
N GLU B 485 -17.30 -2.02 19.33
CA GLU B 485 -17.55 -0.77 20.06
C GLU B 485 -17.61 -0.93 21.58
N VAL B 486 -17.87 -2.12 22.11
CA VAL B 486 -17.97 -2.26 23.56
C VAL B 486 -16.62 -2.39 24.22
N ILE B 487 -15.55 -2.51 23.44
CA ILE B 487 -14.21 -2.66 23.99
C ILE B 487 -13.74 -1.29 24.50
N PRO B 488 -13.33 -1.19 25.76
CA PRO B 488 -12.93 0.11 26.30
C PRO B 488 -11.57 0.55 25.81
N SER B 489 -11.31 1.84 25.99
CA SER B 489 -10.01 2.45 25.68
C SER B 489 -9.22 2.51 26.98
N VAL B 490 -8.13 1.75 27.06
CA VAL B 490 -7.30 1.60 28.25
C VAL B 490 -5.83 1.75 27.83
N LEU B 491 -5.21 2.88 28.16
CA LEU B 491 -3.78 3.02 27.93
C LEU B 491 -3.02 1.94 28.66
N PRO B 492 -2.09 1.25 28.00
CA PRO B 492 -1.20 0.32 28.72
C PRO B 492 -0.10 1.08 29.42
N PRO B 493 0.39 0.57 30.56
CA PRO B 493 1.67 1.09 31.06
C PRO B 493 2.82 0.52 30.22
N ALA B 494 3.58 1.46 29.51
CA ALA B 494 4.82 1.06 28.86
C ALA B 494 6.03 1.36 29.75
N PRO B 495 7.07 0.53 29.68
CA PRO B 495 8.15 0.64 30.66
C PRO B 495 9.01 1.85 30.33
N ALA B 496 9.92 2.14 31.26
CA ALA B 496 10.90 3.19 31.01
C ALA B 496 11.61 2.88 29.71
N GLY B 497 11.43 3.75 28.72
CA GLY B 497 12.13 3.61 27.47
C GLY B 497 13.45 4.31 27.51
N ARG B 498 14.29 3.99 26.52
CA ARG B 498 15.60 4.59 26.43
C ARG B 498 15.64 5.77 25.46
N GLY B 499 14.50 6.17 24.90
CA GLY B 499 14.46 7.29 23.97
C GLY B 499 15.03 6.94 22.59
N LEU B 500 15.42 7.97 21.86
CA LEU B 500 15.98 7.81 20.52
C LEU B 500 17.45 7.41 20.58
N THR B 501 17.89 6.64 19.58
CA THR B 501 19.29 6.26 19.55
C THR B 501 20.17 7.41 19.04
N ALA B 502 21.49 7.25 19.24
CA ALA B 502 22.45 8.23 18.72
C ALA B 502 22.25 8.46 17.23
N GLY B 503 22.19 7.38 16.44
CA GLY B 503 22.03 7.53 15.00
C GLY B 503 20.73 8.22 14.63
N GLN B 504 19.65 7.91 15.33
CA GLN B 504 18.41 8.61 15.06
C GLN B 504 18.52 10.09 15.40
N GLN B 505 19.07 10.41 16.58
CA GLN B 505 19.29 11.81 16.96
C GLN B 505 20.21 12.52 15.98
N ARG B 506 21.16 11.79 15.41
N ARG B 506 21.15 11.80 15.39
CA ARG B 506 22.10 12.42 14.48
CA ARG B 506 22.09 12.44 14.48
C ARG B 506 21.42 12.76 13.17
C ARG B 506 21.42 12.77 13.16
N ARG B 507 20.54 11.88 12.67
N ARG B 507 20.55 11.89 12.66
CA ARG B 507 19.88 12.17 11.41
CA ARG B 507 19.88 12.19 11.40
C ARG B 507 18.93 13.36 11.53
C ARG B 507 18.91 13.36 11.52
N ARG B 508 18.31 13.55 12.69
CA ARG B 508 17.51 14.76 12.92
C ARG B 508 18.40 16.01 12.91
N THR B 509 19.51 15.97 13.66
CA THR B 509 20.40 17.12 13.72
C THR B 509 20.94 17.46 12.32
N ILE B 510 21.25 16.44 11.52
CA ILE B 510 21.77 16.73 10.19
C ILE B 510 20.71 17.44 9.37
N GLY B 511 19.44 17.05 9.52
CA GLY B 511 18.38 17.66 8.75
C GLY B 511 18.05 19.07 9.21
N ARG B 512 17.97 19.29 10.52
CA ARG B 512 17.75 20.64 11.03
C ARG B 512 18.88 21.56 10.58
N SER B 513 20.12 21.07 10.62
CA SER B 513 21.26 21.90 10.31
C SER B 513 21.32 22.25 8.84
N LEU B 514 21.01 21.28 7.96
CA LEU B 514 21.00 21.61 6.53
C LEU B 514 19.82 22.49 6.18
N ALA B 515 18.67 22.25 6.80
CA ALA B 515 17.50 23.05 6.46
C ALA B 515 17.69 24.51 6.90
N LEU B 516 18.25 24.76 8.08
CA LEU B 516 18.54 26.14 8.47
C LEU B 516 19.52 26.81 7.51
N SER B 517 20.47 26.07 6.99
CA SER B 517 21.42 26.66 6.07
C SER B 517 20.86 26.75 4.67
N GLY B 518 19.57 26.47 4.49
CA GLY B 518 18.86 26.82 3.27
C GLY B 518 18.57 25.69 2.30
N TYR B 519 18.86 24.45 2.67
CA TYR B 519 18.59 23.30 1.85
C TYR B 519 17.16 22.81 2.08
N VAL B 520 16.53 22.32 1.01
CA VAL B 520 15.16 21.80 1.04
C VAL B 520 15.20 20.30 0.87
N GLU B 521 14.60 19.57 1.81
CA GLU B 521 14.71 18.12 1.75
C GLU B 521 13.73 17.56 0.73
N ILE B 522 14.15 16.52 0.01
CA ILE B 522 13.28 15.79 -0.88
C ILE B 522 13.21 14.35 -0.40
N LEU B 523 12.12 13.69 -0.75
CA LEU B 523 12.04 12.25 -0.62
C LEU B 523 12.59 11.66 -1.90
N PRO B 524 13.80 11.09 -1.91
CA PRO B 524 14.35 10.56 -3.16
C PRO B 524 13.63 9.30 -3.62
N THR B 525 13.66 9.08 -4.94
CA THR B 525 13.15 7.79 -5.42
C THR B 525 14.29 6.79 -5.54
N PRO B 526 14.05 5.52 -5.19
CA PRO B 526 15.15 4.55 -5.25
C PRO B 526 15.35 3.95 -6.63
N PHE B 527 14.43 4.21 -7.58
CA PHE B 527 14.54 3.70 -8.94
C PHE B 527 15.36 4.67 -9.77
N LEU B 528 16.52 4.21 -10.25
CA LEU B 528 17.45 5.07 -10.95
C LEU B 528 16.87 5.51 -12.30
N PRO B 529 17.31 6.65 -12.82
CA PRO B 529 16.95 7.01 -14.18
C PRO B 529 17.64 6.09 -15.17
N ALA B 530 17.01 5.91 -16.32
CA ALA B 530 17.56 5.03 -17.34
C ALA B 530 18.89 5.56 -17.85
N GLY B 531 19.93 4.74 -17.76
CA GLY B 531 21.24 5.08 -18.31
C GLY B 531 21.93 6.24 -17.64
N VAL B 532 21.64 6.50 -16.37
CA VAL B 532 22.23 7.65 -15.70
C VAL B 532 23.75 7.50 -15.63
N PHE B 533 24.25 6.27 -15.47
CA PHE B 533 25.69 6.10 -15.35
C PHE B 533 26.41 6.26 -16.69
N ASP B 534 25.73 5.98 -17.82
CA ASP B 534 26.28 6.32 -19.13
C ASP B 534 26.35 7.84 -19.32
N LEU B 535 25.33 8.57 -18.84
CA LEU B 535 25.38 10.04 -18.85
C LEU B 535 26.51 10.58 -17.99
N TRP B 536 26.76 9.94 -16.84
CA TRP B 536 27.88 10.35 -16.01
C TRP B 536 29.22 9.95 -16.61
N GLY B 537 29.24 9.06 -17.59
CA GLY B 537 30.48 8.59 -18.14
C GLY B 537 31.26 7.67 -17.23
N LEU B 538 30.58 6.99 -16.30
CA LEU B 538 31.25 6.06 -15.41
C LEU B 538 31.86 4.90 -16.20
N GLU B 539 33.03 4.45 -15.75
CA GLU B 539 33.65 3.24 -16.29
C GLU B 539 32.70 2.03 -16.16
N ALA B 540 33.05 0.97 -16.89
CA ALA B 540 32.19 -0.20 -16.91
C ALA B 540 32.22 -0.94 -15.59
N ASP B 541 33.37 -0.97 -14.91
CA ASP B 541 33.51 -1.69 -13.66
C ASP B 541 33.30 -0.83 -12.42
N ASP B 542 32.83 0.43 -12.57
CA ASP B 542 32.55 1.30 -11.42
C ASP B 542 31.52 0.64 -10.50
N SER B 543 31.85 0.55 -9.21
CA SER B 543 30.99 -0.14 -8.26
C SER B 543 29.55 0.36 -8.30
N ARG B 544 29.34 1.64 -8.61
CA ARG B 544 27.98 2.16 -8.63
C ARG B 544 27.11 1.50 -9.68
N ARG B 545 27.68 0.90 -10.73
CA ARG B 545 26.87 0.20 -11.73
C ARG B 545 26.39 -1.18 -11.25
N MET B 546 27.09 -1.82 -10.30
CA MET B 546 26.56 -3.08 -9.77
C MET B 546 25.31 -2.82 -8.94
N THR B 547 24.15 -2.72 -9.60
CA THR B 547 22.91 -2.39 -8.94
C THR B 547 22.04 -3.62 -8.72
N THR B 548 21.30 -3.62 -7.62
CA THR B 548 20.17 -4.53 -7.46
C THR B 548 19.02 -4.11 -8.37
N ARG B 549 18.26 -5.09 -8.85
CA ARG B 549 17.32 -4.85 -9.94
C ARG B 549 15.94 -5.32 -9.52
N VAL B 550 14.97 -4.47 -9.71
CA VAL B 550 13.60 -4.89 -9.49
C VAL B 550 13.11 -5.55 -10.76
N LEU B 551 12.14 -6.44 -10.59
CA LEU B 551 11.74 -7.38 -11.61
C LEU B 551 10.43 -6.97 -12.26
N ASN B 552 9.63 -6.15 -11.58
CA ASN B 552 8.37 -5.65 -12.13
C ASN B 552 8.23 -4.15 -11.84
N PRO B 553 9.13 -3.32 -12.38
CA PRO B 553 9.06 -1.89 -12.10
C PRO B 553 7.89 -1.22 -12.81
N LEU B 554 7.46 -0.09 -12.24
CA LEU B 554 6.36 0.65 -12.85
C LEU B 554 6.80 1.36 -14.13
N GLU B 555 8.09 1.57 -14.33
CA GLU B 555 8.64 2.00 -15.62
C GLU B 555 9.69 0.99 -16.06
N ALA B 556 9.48 0.39 -17.23
CA ALA B 556 10.29 -0.74 -17.64
C ALA B 556 11.76 -0.40 -17.81
N ASP B 557 12.08 0.87 -18.07
CA ASP B 557 13.46 1.30 -18.26
C ASP B 557 14.10 1.85 -16.97
N ARG B 558 13.35 1.88 -15.87
CA ARG B 558 13.90 2.27 -14.57
C ARG B 558 13.72 1.11 -13.57
N PRO B 559 14.45 0.01 -13.75
CA PRO B 559 14.36 -1.11 -12.79
C PRO B 559 15.52 -1.23 -11.81
N GLN B 560 16.55 -0.38 -11.92
CA GLN B 560 17.72 -0.49 -11.06
C GLN B 560 17.56 0.33 -9.79
N LEU B 561 17.83 -0.28 -8.65
CA LEU B 561 17.83 0.44 -7.38
C LEU B 561 19.09 1.27 -7.26
N ALA B 562 18.98 2.35 -6.47
CA ALA B 562 20.04 3.36 -6.43
C ALA B 562 21.17 2.93 -5.51
N THR B 563 22.40 2.98 -6.04
CA THR B 563 23.64 2.89 -5.29
C THR B 563 24.14 4.27 -4.86
N THR B 564 23.44 5.32 -5.25
CA THR B 564 23.79 6.70 -4.97
C THR B 564 22.52 7.54 -4.96
N LEU B 565 22.47 8.51 -4.04
CA LEU B 565 21.31 9.37 -3.93
C LEU B 565 21.34 10.55 -4.90
N LEU B 566 22.46 10.81 -5.57
CA LEU B 566 22.52 11.95 -6.50
C LEU B 566 21.55 11.85 -7.67
N PRO B 567 21.38 10.71 -8.34
CA PRO B 567 20.40 10.65 -9.43
C PRO B 567 19.04 11.18 -9.03
N ALA B 568 18.50 10.74 -7.90
CA ALA B 568 17.20 11.26 -7.49
C ALA B 568 17.28 12.74 -7.15
N LEU B 569 18.36 13.16 -6.50
CA LEU B 569 18.50 14.57 -6.16
C LEU B 569 18.57 15.41 -7.44
N LEU B 570 19.39 14.98 -8.40
CA LEU B 570 19.49 15.74 -9.64
C LEU B 570 18.16 15.76 -10.36
N GLU B 571 17.35 14.72 -10.19
CA GLU B 571 16.05 14.69 -10.87
C GLU B 571 15.11 15.75 -10.30
N ALA B 572 15.07 15.88 -8.97
CA ALA B 572 14.28 16.92 -8.35
C ALA B 572 14.83 18.31 -8.66
N LEU B 573 16.16 18.46 -8.78
CA LEU B 573 16.71 19.73 -9.17
C LEU B 573 16.19 20.14 -10.55
N VAL B 574 16.37 19.26 -11.55
CA VAL B 574 15.88 19.50 -12.91
C VAL B 574 14.42 19.93 -12.94
N ARG B 575 13.58 19.30 -12.10
CA ARG B 575 12.16 19.66 -12.02
C ARG B 575 11.97 21.08 -11.51
N ASN B 576 12.68 21.45 -10.43
CA ASN B 576 12.57 22.80 -9.89
C ASN B 576 13.03 23.83 -10.92
N VAL B 577 14.17 23.56 -11.55
CA VAL B 577 14.69 24.50 -12.54
C VAL B 577 13.72 24.63 -13.70
N SER B 578 13.10 23.52 -14.11
CA SER B 578 12.22 23.58 -15.27
C SER B 578 10.89 24.26 -14.99
N ARG B 579 10.59 24.53 -13.72
CA ARG B 579 9.40 25.28 -13.35
C ARG B 579 9.71 26.72 -12.99
N GLY B 580 10.93 27.18 -13.27
CA GLY B 580 11.33 28.54 -12.97
C GLY B 580 11.95 28.77 -11.62
N LEU B 581 12.19 27.72 -10.84
CA LEU B 581 12.83 27.84 -9.52
C LEU B 581 14.30 27.48 -9.69
N VAL B 582 15.11 28.47 -10.03
CA VAL B 582 16.45 28.21 -10.54
C VAL B 582 17.53 28.31 -9.49
N ASP B 583 17.22 28.84 -8.31
CA ASP B 583 18.18 28.97 -7.22
C ASP B 583 17.75 27.97 -6.16
N VAL B 584 18.40 26.82 -6.12
CA VAL B 584 17.87 25.71 -5.35
C VAL B 584 19.01 24.94 -4.70
N ALA B 585 18.81 24.57 -3.44
CA ALA B 585 19.67 23.63 -2.74
C ALA B 585 18.78 22.54 -2.15
N LEU B 586 19.01 21.29 -2.55
CA LEU B 586 18.20 20.16 -2.12
C LEU B 586 19.06 19.15 -1.39
N PHE B 587 18.46 18.40 -0.49
CA PHE B 587 19.22 17.36 0.21
C PHE B 587 18.31 16.19 0.50
N ALA B 588 18.93 15.05 0.80
CA ALA B 588 18.22 13.81 1.08
C ALA B 588 19.02 13.01 2.10
N ILE B 589 18.31 12.35 3.01
CA ILE B 589 18.90 11.35 3.90
C ILE B 589 18.09 10.08 3.72
N ALA B 590 18.71 9.07 3.12
CA ALA B 590 18.03 7.84 2.71
C ALA B 590 19.08 6.76 2.52
N GLN B 591 18.62 5.52 2.46
CA GLN B 591 19.54 4.42 2.28
C GLN B 591 19.73 4.13 0.79
N VAL B 592 20.89 3.57 0.46
CA VAL B 592 21.17 3.10 -0.89
C VAL B 592 21.12 1.57 -0.86
N VAL B 593 21.23 0.97 -2.04
CA VAL B 593 21.26 -0.49 -2.16
C VAL B 593 22.51 -0.85 -2.94
N GLN B 594 23.46 -1.52 -2.28
CA GLN B 594 24.75 -1.88 -2.88
C GLN B 594 24.93 -3.39 -2.71
N PRO B 595 24.64 -4.19 -3.72
CA PRO B 595 24.77 -5.65 -3.59
C PRO B 595 26.22 -6.10 -3.67
N THR B 596 26.50 -7.22 -3.03
CA THR B 596 27.89 -7.69 -2.89
C THR B 596 28.23 -8.85 -3.80
N GLU B 597 27.51 -9.97 -3.68
CA GLU B 597 27.69 -11.03 -4.68
C GLU B 597 26.51 -10.89 -5.65
N GLN B 598 26.08 -12.00 -6.25
CA GLN B 598 24.86 -12.02 -7.04
C GLN B 598 23.63 -12.13 -6.13
N THR B 599 22.44 -11.96 -6.72
CA THR B 599 21.22 -12.03 -5.92
C THR B 599 21.06 -13.45 -5.36
N ARG B 600 21.49 -13.65 -4.13
CA ARG B 600 21.39 -14.94 -3.49
C ARG B 600 20.21 -14.89 -2.53
N GLY B 601 19.17 -15.64 -2.86
CA GLY B 601 18.08 -15.87 -1.93
C GLY B 601 18.35 -17.07 -1.02
N VAL B 602 17.81 -17.00 0.17
CA VAL B 602 17.90 -18.05 1.16
C VAL B 602 16.59 -18.84 1.16
N GLY B 603 16.70 -20.16 1.25
CA GLY B 603 15.52 -20.99 1.25
C GLY B 603 14.64 -20.80 2.48
N LEU B 604 13.37 -21.21 2.34
CA LEU B 604 12.38 -21.06 3.38
C LEU B 604 12.82 -21.77 4.66
N ILE B 605 12.67 -21.07 5.77
CA ILE B 605 12.97 -21.58 7.11
C ILE B 605 11.62 -21.89 7.75
N PRO B 606 11.48 -22.98 8.52
CA PRO B 606 10.17 -23.30 9.10
C PRO B 606 9.72 -22.22 10.06
N VAL B 607 8.44 -21.86 9.97
CA VAL B 607 7.90 -20.79 10.80
C VAL B 607 7.17 -21.32 12.03
N ASP B 608 7.36 -22.60 12.35
CA ASP B 608 6.85 -23.17 13.59
C ASP B 608 7.84 -23.00 14.73
N ARG B 609 8.93 -22.31 14.48
CA ARG B 609 9.97 -22.00 15.45
C ARG B 609 10.61 -20.69 15.04
N ARG B 610 11.36 -20.10 15.97
CA ARG B 610 12.11 -18.93 15.56
C ARG B 610 13.40 -19.33 14.86
N PRO B 611 13.86 -18.52 13.91
CA PRO B 611 15.13 -18.83 13.26
C PRO B 611 16.30 -18.71 14.24
N THR B 612 17.29 -19.57 14.06
CA THR B 612 18.49 -19.51 14.89
C THR B 612 19.36 -18.33 14.48
N ASP B 613 20.15 -17.86 15.45
CA ASP B 613 21.13 -16.81 15.19
C ASP B 613 21.89 -17.05 13.89
N ASP B 614 22.29 -18.30 13.64
CA ASP B 614 22.99 -18.59 12.40
C ASP B 614 22.09 -18.37 11.19
N GLU B 615 20.82 -18.77 11.30
CA GLU B 615 19.92 -18.58 10.17
C GLU B 615 19.64 -17.10 9.93
N ILE B 616 19.56 -16.30 11.00
CA ILE B 616 19.38 -14.86 10.83
C ILE B 616 20.61 -14.25 10.19
N ALA B 617 21.80 -14.56 10.72
CA ALA B 617 23.04 -14.10 10.12
C ALA B 617 23.11 -14.43 8.64
N MET B 618 22.58 -15.58 8.25
CA MET B 618 22.66 -15.99 6.86
C MET B 618 21.67 -15.21 6.00
N LEU B 619 20.51 -14.87 6.57
CA LEU B 619 19.53 -14.01 5.89
C LEU B 619 20.06 -12.60 5.72
N ASP B 620 20.63 -12.04 6.79
CA ASP B 620 21.25 -10.73 6.72
C ASP B 620 22.33 -10.70 5.62
N ALA B 621 23.23 -11.68 5.64
CA ALA B 621 24.31 -11.73 4.66
C ALA B 621 23.82 -11.87 3.22
N SER B 622 22.62 -12.40 3.01
CA SER B 622 22.09 -12.58 1.66
C SER B 622 21.56 -11.30 1.05
N LEU B 623 21.21 -10.29 1.88
CA LEU B 623 20.68 -9.00 1.43
C LEU B 623 21.82 -8.09 0.99
N PRO B 624 21.57 -7.14 0.09
CA PRO B 624 22.62 -6.17 -0.26
C PRO B 624 23.01 -5.29 0.93
N ARG B 625 24.22 -4.75 0.87
CA ARG B 625 24.58 -3.69 1.80
C ARG B 625 23.62 -2.53 1.56
N GLN B 626 23.10 -1.95 2.64
CA GLN B 626 22.13 -0.86 2.55
C GLN B 626 22.45 0.24 3.55
N PRO B 627 23.60 0.90 3.37
CA PRO B 627 23.98 1.96 4.30
C PRO B 627 23.18 3.23 4.09
N GLN B 628 23.11 4.03 5.17
CA GLN B 628 22.45 5.33 5.14
C GLN B 628 23.39 6.39 4.58
N HIS B 629 22.93 7.11 3.54
CA HIS B 629 23.68 8.21 2.95
C HIS B 629 23.00 9.54 3.26
N VAL B 630 23.78 10.62 3.19
CA VAL B 630 23.27 12.00 3.12
C VAL B 630 23.84 12.63 1.87
N ALA B 631 23.01 13.33 1.11
CA ALA B 631 23.51 13.92 -0.11
C ALA B 631 22.79 15.25 -0.36
N ALA B 632 23.43 16.10 -1.17
CA ALA B 632 22.85 17.39 -1.51
C ALA B 632 23.31 17.84 -2.89
N VAL B 633 22.48 18.68 -3.52
CA VAL B 633 22.81 19.35 -4.78
C VAL B 633 22.43 20.82 -4.68
N LEU B 634 23.20 21.66 -5.38
CA LEU B 634 22.97 23.10 -5.40
C LEU B 634 23.14 23.63 -6.80
N ALA B 635 22.28 24.56 -7.20
CA ALA B 635 22.48 25.28 -8.45
C ALA B 635 21.93 26.69 -8.31
N GLY B 636 22.33 27.55 -9.26
CA GLY B 636 21.81 28.90 -9.27
C GLY B 636 22.52 29.78 -8.27
N LEU B 637 21.77 30.72 -7.71
CA LEU B 637 22.30 31.64 -6.71
C LEU B 637 22.33 30.96 -5.35
N ARG B 638 23.48 31.02 -4.68
CA ARG B 638 23.52 30.56 -3.30
C ARG B 638 22.98 31.63 -2.36
N GLU B 639 23.49 32.87 -2.49
CA GLU B 639 22.96 34.05 -1.83
C GLU B 639 22.06 34.77 -2.81
N PRO B 640 20.80 35.07 -2.48
CA PRO B 640 19.93 35.75 -3.44
C PRO B 640 20.32 37.21 -3.66
N ARG B 641 19.76 37.76 -4.73
CA ARG B 641 19.93 39.17 -5.05
C ARG B 641 19.03 40.02 -4.16
N GLY B 642 19.51 41.19 -3.77
CA GLY B 642 18.75 42.10 -2.94
C GLY B 642 19.43 43.42 -2.80
N PRO B 643 18.95 44.28 -1.89
CA PRO B 643 19.63 45.56 -1.64
C PRO B 643 21.11 45.42 -1.33
N TRP B 644 21.52 44.33 -0.66
CA TRP B 644 22.93 44.12 -0.30
C TRP B 644 23.80 44.00 -1.55
N GLY B 645 23.29 43.44 -2.63
CA GLY B 645 24.11 43.24 -3.79
C GLY B 645 23.49 42.30 -4.79
N PRO B 646 24.28 41.85 -5.78
CA PRO B 646 23.72 40.99 -6.82
C PRO B 646 23.51 39.55 -6.39
N GLY B 647 23.97 39.15 -5.22
CA GLY B 647 23.95 37.75 -4.86
C GLY B 647 25.21 37.02 -5.31
N ARG B 648 25.30 35.76 -4.90
CA ARG B 648 26.48 34.94 -5.14
C ARG B 648 26.10 33.61 -5.75
N PRO B 649 26.56 33.30 -6.96
CA PRO B 649 26.24 31.99 -7.55
C PRO B 649 26.88 30.87 -6.75
N VAL B 650 26.23 29.69 -6.80
CA VAL B 650 26.78 28.48 -6.21
C VAL B 650 28.16 28.20 -6.76
N GLU B 651 29.10 27.86 -5.87
CA GLU B 651 30.42 27.36 -6.24
C GLU B 651 30.73 26.08 -5.47
N ALA B 652 31.77 25.37 -5.92
CA ALA B 652 32.22 24.16 -5.21
C ALA B 652 32.41 24.38 -3.71
N ALA B 653 32.85 25.58 -3.29
CA ALA B 653 33.05 25.80 -1.86
C ALA B 653 31.76 25.64 -1.08
N ASP B 654 30.60 25.88 -1.72
CA ASP B 654 29.34 25.72 -1.00
C ASP B 654 29.04 24.24 -0.72
N ALA B 655 29.45 23.33 -1.62
CA ALA B 655 29.36 21.91 -1.32
C ALA B 655 30.37 21.52 -0.24
N PHE B 656 31.60 22.07 -0.28
CA PHE B 656 32.52 21.82 0.83
C PHE B 656 31.91 22.30 2.14
N GLU B 657 31.31 23.48 2.14
CA GLU B 657 30.63 23.93 3.36
C GLU B 657 29.50 23.00 3.76
N ALA B 658 28.85 22.34 2.80
CA ALA B 658 27.81 21.40 3.19
C ALA B 658 28.40 20.19 3.91
N VAL B 659 29.60 19.74 3.51
CA VAL B 659 30.29 18.71 4.29
C VAL B 659 30.49 19.20 5.71
N ARG B 660 30.97 20.43 5.87
CA ARG B 660 31.27 20.95 7.21
C ARG B 660 30.02 21.12 8.05
N ILE B 661 28.87 21.43 7.43
CA ILE B 661 27.62 21.49 8.19
C ILE B 661 27.26 20.10 8.71
N ILE B 662 27.25 19.11 7.81
CA ILE B 662 26.97 17.73 8.21
C ILE B 662 27.95 17.27 9.28
N ALA B 663 29.24 17.58 9.11
CA ALA B 663 30.21 17.11 10.09
C ALA B 663 30.02 17.83 11.42
N ARG B 664 29.78 19.14 11.43
CA ARG B 664 29.49 19.82 12.69
C ARG B 664 28.27 19.20 13.34
N ALA B 665 27.28 18.82 12.53
CA ALA B 665 26.05 18.25 13.05
C ALA B 665 26.31 16.88 13.65
N SER B 666 27.33 16.18 13.14
CA SER B 666 27.72 14.86 13.59
C SER B 666 28.79 14.89 14.67
N ARG B 667 29.31 16.08 14.97
CA ARG B 667 30.36 16.27 15.98
C ARG B 667 31.61 15.42 15.69
N VAL B 668 32.05 15.47 14.43
CA VAL B 668 33.29 14.84 14.00
C VAL B 668 34.05 15.84 13.15
N ASP B 669 35.36 15.61 13.04
CA ASP B 669 36.24 16.47 12.27
C ASP B 669 36.50 15.84 10.90
N VAL B 670 36.47 16.66 9.85
CA VAL B 670 36.74 16.10 8.54
C VAL B 670 37.97 16.76 7.94
N THR B 671 38.52 16.10 6.94
CA THR B 671 39.54 16.68 6.11
C THR B 671 39.09 16.46 4.68
N LEU B 672 39.41 17.43 3.84
CA LEU B 672 39.09 17.37 2.43
C LEU B 672 40.41 17.22 1.69
N ARG B 673 40.45 16.29 0.73
CA ARG B 673 41.63 16.01 -0.08
C ARG B 673 41.26 16.00 -1.56
N PRO B 674 42.10 16.59 -2.40
CA PRO B 674 41.81 16.60 -3.85
C PRO B 674 41.66 15.19 -4.39
N ALA B 675 40.74 15.04 -5.34
CA ALA B 675 40.39 13.71 -5.82
C ALA B 675 39.77 13.84 -7.18
N GLN B 676 39.82 12.76 -7.93
CA GLN B 676 39.21 12.65 -9.25
C GLN B 676 38.20 11.52 -9.13
N TYR B 677 36.94 11.82 -9.44
CA TYR B 677 35.88 10.85 -9.17
C TYR B 677 34.58 11.29 -9.84
N LEU B 678 34.18 10.63 -10.91
CA LEU B 678 32.95 11.04 -11.56
C LEU B 678 31.78 10.82 -10.62
N PRO B 679 30.73 11.67 -10.68
CA PRO B 679 30.47 12.66 -11.73
C PRO B 679 31.04 14.07 -11.45
N TRP B 680 32.02 14.18 -10.56
CA TRP B 680 32.54 15.48 -10.15
C TRP B 680 33.58 15.99 -11.15
N HIS B 681 33.84 17.29 -11.06
CA HIS B 681 34.91 17.94 -11.82
C HIS B 681 36.29 17.60 -11.24
N PRO B 682 37.28 17.26 -12.08
CA PRO B 682 38.55 16.70 -11.56
C PRO B 682 39.39 17.69 -10.78
N GLY B 683 39.24 18.99 -11.03
CA GLY B 683 39.97 20.00 -10.32
C GLY B 683 39.18 20.68 -9.23
N ARG B 684 37.90 20.31 -9.04
CA ARG B 684 37.02 20.89 -8.05
C ARG B 684 36.28 19.79 -7.31
N CYS B 685 36.94 18.67 -7.07
CA CYS B 685 36.37 17.55 -6.36
C CYS B 685 37.20 17.23 -5.14
N ALA B 686 36.55 17.00 -4.00
CA ALA B 686 37.21 16.66 -2.76
C ALA B 686 36.66 15.35 -2.21
N GLN B 687 37.56 14.48 -1.76
CA GLN B 687 37.18 13.29 -1.02
C GLN B 687 37.27 13.62 0.46
N VAL B 688 36.25 13.19 1.21
CA VAL B 688 36.06 13.58 2.60
C VAL B 688 36.52 12.43 3.49
N PHE B 689 37.37 12.74 4.47
CA PHE B 689 37.85 11.74 5.41
C PHE B 689 37.50 12.15 6.84
N VAL B 690 36.98 11.20 7.61
CA VAL B 690 36.92 11.27 9.07
C VAL B 690 38.07 10.42 9.58
N GLY B 691 39.09 11.06 10.12
CA GLY B 691 40.31 10.32 10.40
C GLY B 691 40.93 9.87 9.08
N GLU B 692 41.12 8.56 8.92
CA GLU B 692 41.68 8.03 7.69
C GLU B 692 40.67 7.20 6.90
N SER B 693 39.38 7.31 7.22
CA SER B 693 38.33 6.57 6.52
C SER B 693 37.61 7.48 5.53
N SER B 694 37.61 7.10 4.26
CA SER B 694 36.83 7.83 3.27
C SER B 694 35.34 7.76 3.58
N VAL B 695 34.65 8.90 3.56
CA VAL B 695 33.21 8.94 3.82
C VAL B 695 32.39 9.52 2.66
N GLY B 696 33.02 10.01 1.61
CA GLY B 696 32.28 10.45 0.42
C GLY B 696 33.02 11.55 -0.30
N HIS B 697 32.28 12.27 -1.13
CA HIS B 697 32.86 13.31 -1.98
C HIS B 697 31.98 14.56 -2.02
N ALA B 698 32.57 15.65 -2.49
CA ALA B 698 31.87 16.92 -2.58
C ALA B 698 32.58 17.76 -3.61
N GLY B 699 31.84 18.68 -4.20
CA GLY B 699 32.45 19.65 -5.10
C GLY B 699 31.48 20.02 -6.21
N GLN B 700 32.07 20.50 -7.31
CA GLN B 700 31.31 20.87 -8.50
C GLN B 700 31.15 19.68 -9.44
N LEU B 701 30.04 19.62 -10.15
CA LEU B 701 29.90 18.53 -11.11
C LEU B 701 30.72 18.81 -12.36
N HIS B 702 31.26 17.73 -12.92
CA HIS B 702 31.92 17.74 -14.22
C HIS B 702 31.04 18.44 -15.26
N PRO B 703 31.58 19.43 -15.97
CA PRO B 703 30.76 20.15 -16.97
C PRO B 703 30.26 19.27 -18.09
N ALA B 704 30.97 18.21 -18.44
CA ALA B 704 30.46 17.28 -19.44
C ALA B 704 29.27 16.50 -18.90
N VAL B 705 29.33 16.08 -17.64
CA VAL B 705 28.19 15.43 -17.02
C VAL B 705 27.01 16.39 -16.98
N ILE B 706 27.27 17.64 -16.65
CA ILE B 706 26.18 18.60 -16.57
C ILE B 706 25.53 18.77 -17.93
N GLU B 707 26.35 18.81 -18.98
CA GLU B 707 25.85 19.06 -20.33
C GLU B 707 25.03 17.89 -20.84
N ARG B 708 25.59 16.67 -20.80
CA ARG B 708 24.84 15.47 -21.21
C ARG B 708 23.55 15.29 -20.44
N SER B 709 23.49 15.78 -19.20
CA SER B 709 22.36 15.54 -18.32
C SER B 709 21.28 16.61 -18.37
N GLY B 710 21.54 17.76 -18.98
CA GLY B 710 20.58 18.85 -18.93
C GLY B 710 20.54 19.55 -17.60
N LEU B 711 21.64 19.57 -16.88
CA LEU B 711 21.72 20.19 -15.57
C LEU B 711 22.09 21.66 -15.71
N PRO B 712 21.79 22.47 -14.71
CA PRO B 712 22.29 23.86 -14.72
C PRO B 712 23.81 23.92 -14.75
N LYS B 713 24.35 24.80 -15.59
CA LYS B 713 25.79 25.09 -15.52
C LYS B 713 26.19 25.36 -14.09
N GLY B 714 27.29 24.71 -13.67
CA GLY B 714 27.87 24.95 -12.37
C GLY B 714 27.25 24.22 -11.20
N THR B 715 26.36 23.26 -11.44
CA THR B 715 25.74 22.47 -10.37
C THR B 715 26.80 21.81 -9.47
N CYS B 716 26.64 21.94 -8.16
CA CYS B 716 27.49 21.25 -7.20
C CYS B 716 26.73 20.14 -6.50
N ALA B 717 27.49 19.23 -5.88
CA ALA B 717 26.93 18.03 -5.27
C ALA B 717 27.80 17.54 -4.13
N VAL B 718 27.17 16.88 -3.18
CA VAL B 718 27.84 16.25 -2.06
C VAL B 718 27.11 14.95 -1.73
N GLU B 719 27.88 13.89 -1.48
CA GLU B 719 27.35 12.63 -0.98
C GLU B 719 28.30 12.06 0.07
N LEU B 720 27.76 11.77 1.26
CA LEU B 720 28.50 11.14 2.33
C LEU B 720 27.80 9.85 2.73
N ASN B 721 28.60 8.86 3.14
CA ASN B 721 28.09 7.62 3.69
C ASN B 721 27.99 7.77 5.20
N LEU B 722 26.77 7.86 5.74
CA LEU B 722 26.59 8.11 7.17
C LEU B 722 27.07 6.94 8.01
N ASP B 723 27.05 5.72 7.45
CA ASP B 723 27.49 4.55 8.20
C ASP B 723 28.99 4.58 8.43
N ALA B 724 29.74 5.27 7.57
CA ALA B 724 31.19 5.41 7.70
C ALA B 724 31.61 6.55 8.64
N ILE B 725 30.68 7.41 9.06
CA ILE B 725 30.97 8.47 10.02
C ILE B 725 30.73 7.89 11.41
N PRO B 726 31.76 7.64 12.19
CA PRO B 726 31.55 6.96 13.48
C PRO B 726 30.80 7.86 14.45
N CYS B 727 30.21 7.25 15.47
CA CYS B 727 29.59 8.04 16.53
C CYS B 727 30.65 8.75 17.33
N SER B 728 30.33 9.98 17.74
CA SER B 728 31.11 10.67 18.75
C SER B 728 30.14 11.28 19.75
N ALA B 729 30.47 11.13 21.03
CA ALA B 729 29.78 11.81 22.11
C ALA B 729 30.86 12.49 22.93
N PRO B 730 31.34 13.65 22.46
CA PRO B 730 32.43 14.32 23.16
C PRO B 730 31.95 14.84 24.51
N LEU B 731 32.91 14.93 25.43
CA LEU B 731 32.73 15.51 26.76
C LEU B 731 33.79 16.60 26.89
N PRO B 732 33.58 17.76 26.26
CA PRO B 732 34.62 18.80 26.23
C PRO B 732 34.86 19.41 27.59
N ALA B 733 36.07 19.93 27.76
CA ALA B 733 36.46 20.69 28.94
C ALA B 733 37.41 21.78 28.50
N PRO B 734 36.89 22.81 27.81
CA PRO B 734 37.77 23.81 27.21
C PRO B 734 38.53 24.62 28.24
N ARG B 735 39.82 24.80 28.01
CA ARG B 735 40.60 25.76 28.77
C ARG B 735 40.31 27.16 28.25
N VAL B 736 39.87 28.05 29.13
CA VAL B 736 39.48 29.41 28.74
C VAL B 736 40.40 30.37 29.49
N SER B 737 41.53 30.69 28.86
CA SER B 737 42.47 31.62 29.49
C SER B 737 41.95 33.04 29.39
N PRO B 738 41.99 33.81 30.47
CA PRO B 738 41.57 35.22 30.44
C PRO B 738 42.71 36.20 30.23
N TYR B 739 43.94 35.72 30.08
CA TYR B 739 45.03 36.64 29.93
C TYR B 739 45.02 37.20 28.52
N PRO B 740 45.61 38.38 28.33
CA PRO B 740 45.51 39.05 27.02
C PRO B 740 46.17 38.26 25.91
N ALA B 741 45.60 38.36 24.72
CA ALA B 741 46.12 37.69 23.54
C ALA B 741 47.07 38.62 22.79
N VAL B 742 47.86 38.01 21.92
CA VAL B 742 48.78 38.73 21.04
C VAL B 742 48.43 38.35 19.62
N PHE B 743 48.13 39.34 18.80
CA PHE B 743 47.70 39.11 17.42
C PHE B 743 48.84 39.43 16.45
N GLN B 744 49.22 38.46 15.63
CA GLN B 744 50.25 38.64 14.62
C GLN B 744 49.76 38.04 13.32
N ASP B 745 50.11 38.68 12.22
CA ASP B 745 49.81 38.21 10.86
C ASP B 745 51.09 37.81 10.16
N VAL B 746 51.10 36.63 9.54
CA VAL B 746 52.30 36.10 8.90
C VAL B 746 51.95 35.71 7.47
N SER B 747 52.81 36.06 6.50
CA SER B 747 52.61 35.67 5.10
C SER B 747 53.69 34.70 4.66
N LEU B 748 53.27 33.57 4.10
CA LEU B 748 54.15 32.50 3.70
C LEU B 748 53.98 32.23 2.22
N VAL B 749 55.11 32.06 1.51
CA VAL B 749 55.09 31.72 0.08
C VAL B 749 55.35 30.23 -0.06
N VAL B 750 54.48 29.54 -0.79
CA VAL B 750 54.58 28.10 -0.99
C VAL B 750 54.31 27.77 -2.45
N ALA B 751 54.61 26.51 -2.81
CA ALA B 751 54.26 26.04 -4.14
C ALA B 751 52.76 26.09 -4.32
N ALA B 752 52.33 26.41 -5.54
CA ALA B 752 50.91 26.49 -5.83
C ALA B 752 50.20 25.19 -5.46
N ASP B 753 50.88 24.05 -5.61
CA ASP B 753 50.24 22.75 -5.44
C ASP B 753 50.03 22.37 -3.98
N ILE B 754 50.55 23.15 -3.05
CA ILE B 754 50.43 22.75 -1.66
C ILE B 754 49.08 23.22 -1.12
N PRO B 755 48.31 22.36 -0.48
CA PRO B 755 46.99 22.79 0.01
C PRO B 755 47.15 23.76 1.17
N ALA B 756 46.25 24.72 1.23
CA ALA B 756 46.31 25.73 2.28
C ALA B 756 46.25 25.10 3.66
N GLN B 757 45.44 24.05 3.83
CA GLN B 757 45.32 23.43 5.13
C GLN B 757 46.64 22.78 5.57
N ALA B 758 47.40 22.22 4.61
CA ALA B 758 48.72 21.72 4.94
C ALA B 758 49.60 22.81 5.54
N VAL B 759 49.54 24.03 4.99
CA VAL B 759 50.38 25.09 5.55
C VAL B 759 49.88 25.49 6.93
N ALA B 760 48.57 25.54 7.13
CA ALA B 760 48.03 25.88 8.45
C ALA B 760 48.42 24.83 9.49
N ASP B 761 48.25 23.55 9.16
CA ASP B 761 48.65 22.48 10.06
C ASP B 761 50.11 22.65 10.47
N ALA B 762 50.99 22.88 9.50
CA ALA B 762 52.41 23.03 9.81
C ALA B 762 52.65 24.22 10.72
N VAL B 763 51.95 25.34 10.48
CA VAL B 763 52.14 26.50 11.35
C VAL B 763 51.63 26.18 12.74
N ARG B 764 50.50 25.49 12.83
CA ARG B 764 49.97 25.16 14.14
C ARG B 764 50.90 24.20 14.87
N ALA B 765 51.45 23.22 14.16
CA ALA B 765 52.28 22.18 14.79
C ALA B 765 53.50 22.78 15.45
N GLY B 766 54.16 23.73 14.75
CA GLY B 766 55.35 24.35 15.29
C GLY B 766 55.09 25.41 16.32
N ALA B 767 53.92 26.07 16.29
CA ALA B 767 53.64 27.16 17.21
C ALA B 767 53.30 26.66 18.61
N GLY B 768 52.72 25.48 18.72
CA GLY B 768 52.45 24.90 20.01
C GLY B 768 51.18 25.41 20.67
N ASP B 769 51.15 25.25 21.99
CA ASP B 769 49.92 25.50 22.73
C ASP B 769 49.60 26.99 22.82
N LEU B 770 50.57 27.87 22.55
CA LEU B 770 50.30 29.30 22.66
C LEU B 770 49.36 29.80 21.56
N LEU B 771 49.34 29.12 20.41
CA LEU B 771 48.48 29.52 19.29
C LEU B 771 47.04 29.16 19.64
N GLU B 772 46.24 30.17 19.97
CA GLU B 772 44.83 29.96 20.28
C GLU B 772 43.98 29.82 19.03
N ASP B 773 44.29 30.58 17.96
CA ASP B 773 43.51 30.55 16.73
C ASP B 773 44.42 30.87 15.55
N ILE B 774 44.18 30.18 14.42
CA ILE B 774 44.80 30.49 13.14
C ILE B 774 43.71 30.59 12.08
N ALA B 775 43.83 31.57 11.19
CA ALA B 775 42.82 31.70 10.14
C ALA B 775 43.42 32.28 8.87
N LEU B 776 43.03 31.69 7.74
CA LEU B 776 43.51 32.14 6.44
C LEU B 776 42.79 33.41 6.03
N PHE B 777 43.55 34.50 5.81
CA PHE B 777 43.02 35.75 5.24
C PHE B 777 43.16 35.75 3.72
N ASP B 778 44.39 35.83 3.23
CA ASP B 778 44.65 36.14 1.82
C ASP B 778 45.30 34.98 1.10
N VAL B 779 44.94 34.81 -0.17
CA VAL B 779 45.65 33.96 -1.09
C VAL B 779 46.05 34.84 -2.28
N PHE B 780 47.33 35.21 -2.35
CA PHE B 780 47.84 36.07 -3.41
C PHE B 780 48.83 35.35 -4.32
N THR B 781 48.65 35.55 -5.63
CA THR B 781 49.63 35.18 -6.64
C THR B 781 50.06 36.42 -7.40
N GLY B 782 51.16 36.28 -8.14
CA GLY B 782 51.75 37.38 -8.89
C GLY B 782 53.10 36.98 -9.43
N PRO B 783 53.64 37.75 -10.38
CA PRO B 783 54.93 37.36 -10.96
C PRO B 783 56.10 37.46 -9.97
N GLN B 784 56.12 38.48 -9.12
CA GLN B 784 57.31 38.73 -8.31
C GLN B 784 57.65 37.61 -7.34
N ILE B 785 56.73 36.68 -7.07
CA ILE B 785 56.98 35.61 -6.11
C ILE B 785 57.22 34.27 -6.76
N GLY B 786 56.95 34.13 -8.05
CA GLY B 786 57.10 32.87 -8.74
C GLY B 786 55.86 32.52 -9.52
N GLU B 787 56.01 32.09 -10.78
CA GLU B 787 54.83 31.78 -11.57
C GLU B 787 54.05 30.61 -11.01
N HIS B 788 54.68 29.75 -10.21
CA HIS B 788 53.97 28.60 -9.67
C HIS B 788 53.97 28.60 -8.15
N ARG B 789 54.16 29.76 -7.53
CA ARG B 789 54.10 29.88 -6.09
C ARG B 789 52.86 30.71 -5.73
N LYS B 790 52.56 30.81 -4.43
CA LYS B 790 51.44 31.63 -4.00
C LYS B 790 51.71 32.05 -2.57
N SER B 791 51.21 33.22 -2.20
CA SER B 791 51.41 33.77 -0.86
C SER B 791 50.15 33.55 -0.04
N LEU B 792 50.30 32.94 1.14
CA LEU B 792 49.19 32.69 2.06
C LEU B 792 49.42 33.55 3.29
N THR B 793 48.43 34.37 3.65
CA THR B 793 48.55 35.23 4.81
C THR B 793 47.63 34.70 5.91
N PHE B 794 48.21 34.33 7.04
CA PHE B 794 47.45 33.75 8.15
C PHE B 794 47.40 34.71 9.32
N ALA B 795 46.22 34.81 9.94
CA ALA B 795 46.07 35.58 11.17
C ALA B 795 46.22 34.66 12.37
N LEU B 796 47.24 34.93 13.18
CA LEU B 796 47.59 34.12 14.33
C LEU B 796 47.19 34.88 15.58
N ARG B 797 46.49 34.20 16.49
CA ARG B 797 46.17 34.74 17.80
C ARG B 797 46.82 33.85 18.84
N PHE B 798 47.76 34.42 19.60
CA PHE B 798 48.47 33.70 20.64
C PHE B 798 47.95 34.14 22.00
N ARG B 799 47.99 33.21 22.95
CA ARG B 799 47.53 33.48 24.30
C ARG B 799 48.18 32.47 25.23
N ALA B 800 48.71 32.96 26.40
CA ALA B 800 49.30 32.05 27.38
C ALA B 800 48.26 31.61 28.38
N PRO B 801 48.45 30.45 29.03
CA PRO B 801 47.45 29.99 30.01
C PRO B 801 47.59 30.62 31.38
N ASP B 802 48.79 31.09 31.75
CA ASP B 802 49.10 31.46 33.12
C ASP B 802 49.61 32.88 33.26
N ARG B 803 49.82 33.60 32.17
CA ARG B 803 50.56 34.85 32.20
C ARG B 803 50.13 35.71 31.01
N THR B 804 50.51 36.99 31.06
CA THR B 804 50.45 37.83 29.87
C THR B 804 51.62 37.50 28.95
N LEU B 805 51.33 37.16 27.69
CA LEU B 805 52.42 36.93 26.76
C LEU B 805 53.18 38.21 26.51
N THR B 806 54.49 38.18 26.77
CA THR B 806 55.37 39.18 26.21
C THR B 806 55.31 39.09 24.69
N GLU B 807 55.70 40.16 24.02
CA GLU B 807 55.64 40.06 22.58
C GLU B 807 56.81 39.25 22.01
N ASP B 808 57.94 39.24 22.70
CA ASP B 808 59.02 38.36 22.23
C ASP B 808 58.66 36.90 22.41
N ASP B 809 57.89 36.57 23.45
CA ASP B 809 57.42 35.20 23.61
C ASP B 809 56.53 34.79 22.46
N ALA B 810 55.72 35.71 21.96
CA ALA B 810 54.88 35.41 20.81
C ALA B 810 55.73 35.23 19.56
N SER B 811 56.72 36.09 19.37
CA SER B 811 57.54 35.99 18.17
C SER B 811 58.37 34.71 18.16
N ALA B 812 58.78 34.23 19.32
CA ALA B 812 59.41 32.91 19.39
C ALA B 812 58.47 31.83 18.87
N ALA B 813 57.21 31.87 19.32
CA ALA B 813 56.19 30.93 18.87
C ALA B 813 55.95 31.05 17.36
N ARG B 814 55.98 32.28 16.84
CA ARG B 814 55.88 32.47 15.40
C ARG B 814 57.08 31.84 14.68
N ASP B 815 58.28 32.16 15.16
CA ASP B 815 59.50 31.64 14.53
C ASP B 815 59.46 30.12 14.45
N ALA B 816 59.03 29.48 15.54
CA ALA B 816 58.84 28.03 15.54
C ALA B 816 57.81 27.61 14.50
N ALA B 817 56.70 28.34 14.41
CA ALA B 817 55.70 28.04 13.39
C ALA B 817 56.24 28.23 11.98
N VAL B 818 57.00 29.30 11.75
CA VAL B 818 57.55 29.51 10.42
C VAL B 818 58.57 28.42 10.08
N GLN B 819 59.40 28.04 11.05
CA GLN B 819 60.35 26.96 10.82
C GLN B 819 59.64 25.65 10.50
N SER B 820 58.54 25.36 11.21
CA SER B 820 57.81 24.13 10.90
C SER B 820 57.26 24.16 9.48
N ALA B 821 56.76 25.31 9.03
CA ALA B 821 56.23 25.34 7.67
C ALA B 821 57.36 25.16 6.66
N ALA B 822 58.54 25.72 6.96
CA ALA B 822 59.72 25.46 6.15
C ALA B 822 60.01 23.96 6.04
N GLU B 823 60.11 23.27 7.19
CA GLU B 823 60.49 21.85 7.17
C GLU B 823 59.42 20.95 6.55
N ARG B 824 58.16 21.36 6.54
CA ARG B 824 57.13 20.40 6.12
C ARG B 824 56.62 20.65 4.72
N VAL B 825 56.39 21.90 4.33
CA VAL B 825 55.85 22.21 3.01
C VAL B 825 56.78 23.12 2.21
N GLY B 826 57.98 23.39 2.73
CA GLY B 826 58.91 24.23 2.01
C GLY B 826 58.56 25.71 1.98
N ALA B 827 57.84 26.20 2.99
CA ALA B 827 57.37 27.57 3.00
C ALA B 827 58.53 28.54 3.21
N VAL B 828 58.39 29.73 2.62
CA VAL B 828 59.36 30.80 2.80
C VAL B 828 58.63 31.99 3.40
N LEU B 829 59.18 32.52 4.47
CA LEU B 829 58.55 33.67 5.11
C LEU B 829 58.68 34.87 4.20
N ARG B 830 57.59 35.61 4.03
CA ARG B 830 57.59 36.88 3.33
C ARG B 830 57.41 38.09 4.24
N GLY B 831 56.71 37.94 5.32
CA GLY B 831 56.58 39.06 6.19
C GLY B 831 55.64 38.77 7.27
N TRP B 832 55.78 39.50 8.33
CA TRP B 832 54.89 39.35 9.44
C TRP B 832 54.43 40.70 9.91
N LYS B 833 53.45 40.72 10.79
CA LYS B 833 52.87 41.93 11.28
C LYS B 833 52.23 41.76 12.61
N LEU B 834 52.11 42.86 13.35
CA LEU B 834 51.43 42.85 14.64
C LEU B 834 50.05 43.39 14.26
N ALA B 835 49.12 42.48 13.99
CA ALA B 835 47.77 42.88 13.62
C ALA B 835 47.36 43.97 14.60
N ALA B 836 47.06 45.16 14.07
CA ALA B 836 46.65 46.28 14.91
C ALA B 836 45.15 46.23 15.21
C10 H2L C . -2.46 -4.11 5.33
C15 H2L C . -2.34 -6.31 3.91
C17 H2L C . -3.81 -8.14 3.38
C22 H2L C . -2.52 -3.66 10.13
C24 H2L C . -1.18 -4.91 11.67
C26 H2L C . 3.53 -6.97 13.25
C28 H2L C . 5.13 -8.21 14.07
C02 H2L C . 1.56 -5.74 12.40
C04 H2L C . -0.05 -4.25 11.22
C05 H2L C . -0.14 -3.29 10.22
C06 H2L C . -1.38 -3.01 9.69
C09 H2L C . -1.54 -3.50 6.37
C11 H2L C . -1.77 -5.09 4.44
C12 H2L C . -0.49 -5.03 3.95
C14 H2L C . -1.35 -6.92 3.13
C16 H2L C . -3.57 -6.93 4.04
C18 H2L C . -2.82 -8.72 2.60
C19 H2L C . -1.58 -8.12 2.46
C23 H2L C . -2.42 -4.61 11.12
C29 H2L C . 4.11 -9.04 14.33
N03 H2L C . 1.22 -4.56 11.79
N08 H2L C . -2.23 -2.48 7.15
N13 H2L C . -0.24 -6.12 3.16
N25 H2L C . 2.93 -5.88 12.65
N27 H2L C . 4.82 -7.01 13.45
O01 H2L C . 0.76 -6.61 12.71
O20 H2L C . -2.37 -0.75 8.88
O21 H2L C . -0.17 -1.46 8.00
S07 H2L C . -1.50 -1.79 8.41
S30 H2L C . 2.65 -8.36 13.81
S SO4 D . -17.46 3.45 18.74
O1 SO4 D . -17.90 4.75 18.20
O2 SO4 D . -18.19 3.09 19.97
O3 SO4 D . -17.69 2.43 17.70
O4 SO4 D . -16.04 3.49 19.07
S SO4 E . -5.64 12.13 -10.69
O1 SO4 E . -6.05 13.55 -10.77
O2 SO4 E . -6.75 11.26 -10.26
O3 SO4 E . -5.05 11.68 -11.96
O4 SO4 E . -4.62 12.00 -9.68
S SO4 F . -15.31 -25.31 -13.58
O1 SO4 F . -15.45 -23.85 -13.71
O2 SO4 F . -15.80 -25.55 -12.20
O3 SO4 F . -15.97 -26.03 -14.71
O4 SO4 F . -13.92 -25.78 -13.63
S SO4 G . -11.06 -15.51 11.24
O1 SO4 G . -11.57 -16.05 9.99
O2 SO4 G . -12.12 -15.37 12.25
O3 SO4 G . -10.39 -14.25 10.96
O4 SO4 G . -10.07 -16.47 11.76
S SO4 H . 7.86 16.50 -14.36
O1 SO4 H . 8.18 17.95 -14.37
O2 SO4 H . 6.92 16.16 -15.43
O3 SO4 H . 9.08 15.67 -14.43
O4 SO4 H . 7.20 16.22 -13.10
S SO4 I . 51.05 38.85 34.47
O1 SO4 I . 50.98 40.25 34.01
O2 SO4 I . 49.73 38.21 34.43
O3 SO4 I . 51.99 38.11 33.62
O4 SO4 I . 51.54 38.83 35.85
S SO4 J . 21.44 3.64 14.43
O1 SO4 J . 21.88 4.48 13.30
O2 SO4 J . 20.00 3.81 14.76
O3 SO4 J . 21.71 2.25 14.01
O4 SO4 J . 22.22 3.94 15.64
S SO4 K . -3.08 -22.47 10.97
O1 SO4 K . -2.53 -21.25 10.37
O2 SO4 K . -3.99 -22.10 12.07
O3 SO4 K . -3.71 -23.19 9.86
O4 SO4 K . -2.08 -23.36 11.55
S SO4 L . -15.45 -10.01 -3.59
O1 SO4 L . -15.88 -8.90 -4.44
O2 SO4 L . -16.39 -10.26 -2.49
O3 SO4 L . -15.35 -11.19 -4.44
O4 SO4 L . -14.16 -9.67 -3.03
S SO4 M . -8.78 -28.27 -26.52
O1 SO4 M . -8.13 -26.98 -26.80
O2 SO4 M . -9.97 -28.04 -25.71
O3 SO4 M . -9.13 -28.90 -27.80
O4 SO4 M . -7.92 -29.17 -25.75
S SO4 N . -42.23 -13.52 5.49
O1 SO4 N . -42.48 -13.70 6.93
O2 SO4 N . -43.13 -12.50 4.92
O3 SO4 N . -42.35 -14.80 4.77
O4 SO4 N . -40.86 -13.04 5.33
S SO4 O . 19.14 29.00 -1.40
O1 SO4 O . 19.10 30.38 -1.92
O2 SO4 O . 17.90 28.38 -1.85
O3 SO4 O . 20.33 28.20 -1.86
O4 SO4 O . 19.15 29.11 0.09
#